data_5QTS
#
_entry.id   5QTS
#
_cell.length_a   49.315
_cell.length_b   59.910
_cell.length_c   80.078
_cell.angle_alpha   79.340
_cell.angle_beta   81.270
_cell.angle_gamma   75.590
#
_symmetry.space_group_name_H-M   'P 1'
#
loop_
_entity.id
_entity.type
_entity.pdbx_description
1 polymer 'ADP-sugar pyrophosphatase'
2 non-polymer 'MAGNESIUM ION'
3 non-polymer 'CHLORIDE ION'
4 non-polymer 3-methyl-2-(methylsulfanyl)-6-(trifluoromethyl)pyrimidin-4(3H)-one
5 non-polymer 1,2-ETHANEDIOL
6 water water
#
_entity_poly.entity_id   1
_entity_poly.type   'polypeptide(L)'
_entity_poly.pdbx_seq_one_letter_code
;SMESQEPTESSQNGKQYIISEELISEGKWVKLEKTTYMDPTGKTRTWESVKRTTRKEQTADGVAVIPVLQRTLHYECIVL
VKQFRPPMGGYCIEFPAGLIDDGETPEAAALRELEEETGYKGDIAECSPAVCMDPGLSNCTIHIVTVTINGDDAENARPK
PKPGDGEFVEVISLPKNDLLQRLDALVAEEHLTVDARVYSYALALKHAN
;
_entity_poly.pdbx_strand_id   A,B,C,D
#
# COMPACT_ATOMS: atom_id res chain seq x y z
N LYS A 15 0.86 -46.77 -2.18
CA LYS A 15 1.54 -48.08 -1.97
C LYS A 15 2.99 -47.90 -1.52
N GLN A 16 3.46 -46.65 -1.33
CA GLN A 16 4.86 -46.37 -0.90
C GLN A 16 4.93 -46.27 0.63
N TYR A 17 6.05 -46.71 1.21
CA TYR A 17 6.25 -46.76 2.68
C TYR A 17 7.75 -46.79 2.94
N ILE A 18 8.10 -46.49 4.17
CA ILE A 18 9.49 -46.49 4.68
C ILE A 18 9.82 -47.95 4.97
N ILE A 19 10.98 -48.40 4.54
CA ILE A 19 11.56 -49.72 4.95
C ILE A 19 12.51 -49.53 6.14
N SER A 20 13.39 -48.56 6.09
CA SER A 20 14.31 -48.33 7.22
C SER A 20 14.85 -46.90 7.20
N GLU A 21 15.29 -46.44 8.37
CA GLU A 21 15.93 -45.12 8.60
C GLU A 21 17.26 -45.37 9.32
N GLU A 22 18.38 -45.18 8.63
CA GLU A 22 19.76 -45.39 9.14
C GLU A 22 20.37 -44.02 9.44
N LEU A 23 20.84 -43.81 10.67
CA LEU A 23 21.48 -42.54 11.08
C LEU A 23 22.79 -42.40 10.30
N ILE A 24 22.99 -41.29 9.59
CA ILE A 24 24.27 -40.95 8.92
C ILE A 24 25.12 -40.05 9.82
N SER A 25 24.52 -39.08 10.53
CA SER A 25 25.25 -38.06 11.34
C SER A 25 24.26 -37.34 12.26
N GLU A 26 24.54 -37.30 13.57
CA GLU A 26 23.62 -36.71 14.56
C GLU A 26 24.33 -35.58 15.29
N GLY A 27 23.80 -34.36 15.17
CA GLY A 27 24.21 -33.18 15.94
C GLY A 27 23.37 -33.00 17.20
N LYS A 28 23.51 -31.85 17.85
CA LYS A 28 22.73 -31.46 19.06
C LYS A 28 21.30 -31.09 18.63
N TRP A 29 21.13 -30.63 17.37
CA TRP A 29 19.88 -29.99 16.86
C TRP A 29 19.34 -30.68 15.61
N VAL A 30 20.22 -31.21 14.75
CA VAL A 30 19.90 -31.68 13.37
C VAL A 30 20.63 -33.01 13.11
N LYS A 31 19.93 -33.98 12.52
CA LYS A 31 20.55 -35.23 12.05
C LYS A 31 20.27 -35.45 10.56
N LEU A 32 21.12 -36.26 9.95
CA LEU A 32 21.03 -36.71 8.56
C LEU A 32 20.78 -38.21 8.58
N GLU A 33 19.82 -38.68 7.81
CA GLU A 33 19.45 -40.10 7.81
C GLU A 33 19.48 -40.60 6.37
N LYS A 34 19.85 -41.87 6.20
CA LYS A 34 19.66 -42.61 4.93
C LYS A 34 18.31 -43.33 5.03
N THR A 35 17.34 -42.92 4.21
CA THR A 35 15.97 -43.48 4.23
C THR A 35 15.90 -44.50 3.09
N THR A 36 15.43 -45.70 3.41
CA THR A 36 15.10 -46.76 2.42
C THR A 36 13.58 -46.87 2.36
N TYR A 37 13.04 -46.81 1.15
CA TYR A 37 11.56 -46.80 0.98
C TYR A 37 11.23 -47.69 -0.21
N MET A 38 9.97 -48.12 -0.25
CA MET A 38 9.39 -48.91 -1.35
C MET A 38 8.73 -47.95 -2.34
N ASP A 39 9.17 -47.98 -3.60
CA ASP A 39 8.60 -47.13 -4.68
C ASP A 39 7.36 -47.85 -5.19
N PRO A 40 6.50 -47.17 -5.97
CA PRO A 40 5.19 -47.73 -6.32
C PRO A 40 5.26 -48.80 -7.42
N THR A 41 6.44 -49.06 -8.00
CA THR A 41 6.70 -50.21 -8.92
C THR A 41 7.14 -51.44 -8.11
N GLY A 42 7.29 -51.32 -6.79
CA GLY A 42 7.70 -52.42 -5.89
C GLY A 42 9.22 -52.54 -5.74
N LYS A 43 9.96 -51.53 -6.20
CA LYS A 43 11.45 -51.44 -6.15
C LYS A 43 11.88 -50.59 -4.95
N THR A 44 12.83 -51.09 -4.15
CA THR A 44 13.40 -50.36 -2.99
C THR A 44 14.32 -49.24 -3.54
N ARG A 45 14.25 -48.06 -2.92
CA ARG A 45 15.09 -46.88 -3.26
C ARG A 45 15.54 -46.21 -1.95
N THR A 46 16.49 -45.30 -2.04
CA THR A 46 16.96 -44.58 -0.85
C THR A 46 16.88 -43.08 -1.09
N TRP A 47 16.92 -42.36 0.02
CA TRP A 47 16.77 -40.89 0.06
C TRP A 47 17.67 -40.35 1.18
N GLU A 48 18.26 -39.18 1.02
CA GLU A 48 18.93 -38.54 2.17
C GLU A 48 17.94 -37.56 2.82
N SER A 49 17.67 -37.76 4.12
CA SER A 49 16.58 -37.14 4.90
C SER A 49 17.18 -36.40 6.10
N VAL A 50 16.74 -35.17 6.28
CA VAL A 50 17.10 -34.27 7.41
C VAL A 50 15.99 -34.35 8.43
N LYS A 51 16.34 -34.49 9.69
CA LYS A 51 15.37 -34.34 10.78
C LYS A 51 15.98 -33.54 11.93
N ARG A 52 15.13 -32.93 12.74
CA ARG A 52 15.56 -32.30 14.01
C ARG A 52 15.68 -33.40 15.07
N THR A 53 16.47 -33.16 16.12
CA THR A 53 16.65 -34.08 17.25
C THR A 53 15.73 -33.71 18.44
N THR A 54 14.93 -32.65 18.27
CA THR A 54 14.23 -31.91 19.35
C THR A 54 12.73 -32.29 19.41
N ARG A 55 12.25 -33.16 18.53
CA ARG A 55 10.80 -33.49 18.48
C ARG A 55 10.53 -34.65 19.44
N LYS A 56 9.63 -34.45 20.40
CA LYS A 56 9.21 -35.48 21.38
C LYS A 56 7.80 -35.94 20.98
N GLU A 57 6.78 -35.54 21.76
CA GLU A 57 5.34 -35.88 21.55
C GLU A 57 4.55 -34.70 20.93
N GLN A 58 5.24 -33.66 20.46
CA GLN A 58 4.62 -32.48 19.82
C GLN A 58 4.00 -32.92 18.48
N THR A 59 2.87 -32.32 18.13
CA THR A 59 2.17 -32.59 16.85
C THR A 59 3.00 -32.02 15.70
N ALA A 60 4.05 -31.24 16.00
CA ALA A 60 4.96 -30.62 15.01
C ALA A 60 6.19 -30.10 15.74
N ASP A 61 7.24 -29.82 14.99
CA ASP A 61 8.47 -29.20 15.52
C ASP A 61 8.14 -27.83 16.11
N GLY A 62 7.39 -27.03 15.36
CA GLY A 62 7.36 -25.57 15.56
C GLY A 62 6.01 -24.97 15.26
N VAL A 63 5.90 -23.68 15.50
CA VAL A 63 4.75 -22.86 15.04
C VAL A 63 5.33 -21.70 14.25
N ALA A 64 4.52 -21.20 13.34
CA ALA A 64 4.67 -19.86 12.76
C ALA A 64 3.34 -19.11 12.96
N VAL A 65 3.43 -17.84 13.28
CA VAL A 65 2.26 -17.03 13.69
C VAL A 65 1.98 -16.04 12.56
N ILE A 66 0.73 -16.03 12.09
CA ILE A 66 0.22 -14.96 11.20
C ILE A 66 -0.47 -13.95 12.09
N PRO A 67 0.23 -12.88 12.46
CA PRO A 67 -0.25 -11.93 13.45
C PRO A 67 -0.91 -10.73 12.73
N VAL A 68 -2.22 -10.61 12.86
CA VAL A 68 -3.02 -9.56 12.18
C VAL A 68 -3.29 -8.48 13.23
N LEU A 69 -2.52 -7.42 13.14
CA LEU A 69 -2.60 -6.30 14.07
C LEU A 69 -3.76 -5.43 13.61
N GLN A 70 -4.72 -5.26 14.50
CA GLN A 70 -6.03 -4.57 14.24
C GLN A 70 -6.02 -3.35 15.15
N ARG A 71 -6.32 -2.18 14.56
CA ARG A 71 -6.36 -0.87 15.24
C ARG A 71 -7.48 -0.05 14.60
N THR A 72 -8.32 0.58 15.44
CA THR A 72 -9.40 1.48 14.93
C THR A 72 -8.75 2.59 14.09
N LEU A 73 -9.27 2.78 12.89
CA LEU A 73 -8.87 3.84 11.92
C LEU A 73 -7.43 3.58 11.44
N HIS A 74 -6.98 2.32 11.47
CA HIS A 74 -5.75 1.86 10.77
C HIS A 74 -6.13 0.72 9.82
N TYR A 75 -5.39 0.58 8.72
CA TYR A 75 -5.49 -0.64 7.88
C TYR A 75 -4.90 -1.79 8.72
N GLU A 76 -5.40 -2.99 8.56
CA GLU A 76 -4.81 -4.18 9.23
C GLU A 76 -3.36 -4.33 8.78
N CYS A 77 -2.46 -4.65 9.72
CA CYS A 77 -1.06 -4.97 9.37
C CYS A 77 -0.79 -6.44 9.63
N ILE A 78 0.19 -7.00 8.91
CA ILE A 78 0.78 -8.33 9.19
C ILE A 78 2.09 -8.04 9.90
N VAL A 79 2.25 -8.59 11.11
CA VAL A 79 3.49 -8.37 11.91
C VAL A 79 4.53 -9.44 11.50
N LEU A 80 5.69 -8.99 11.04
CA LEU A 80 6.81 -9.82 10.57
C LEU A 80 8.05 -9.54 11.42
N VAL A 81 8.99 -10.46 11.40
CA VAL A 81 10.27 -10.29 12.14
C VAL A 81 11.42 -10.45 11.17
N LYS A 82 12.49 -9.72 11.44
CA LYS A 82 13.76 -9.70 10.68
C LYS A 82 14.86 -10.14 11.65
N GLN A 83 15.58 -11.19 11.27
CA GLN A 83 16.60 -11.86 12.11
C GLN A 83 17.75 -12.28 11.23
N PHE A 84 18.93 -12.32 11.80
CA PHE A 84 20.06 -13.00 11.16
C PHE A 84 19.82 -14.51 11.30
N ARG A 85 19.92 -15.25 10.21
CA ARG A 85 19.75 -16.71 10.12
C ARG A 85 21.08 -17.31 9.68
N PRO A 86 21.85 -17.88 10.63
CA PRO A 86 23.15 -18.45 10.28
C PRO A 86 23.08 -19.36 9.05
N PRO A 87 22.10 -20.32 8.90
CA PRO A 87 22.08 -21.20 7.75
C PRO A 87 22.06 -20.47 6.41
N MET A 88 21.48 -19.26 6.40
CA MET A 88 21.28 -18.45 5.20
C MET A 88 22.48 -17.49 4.99
N GLY A 89 23.30 -17.25 6.02
CA GLY A 89 24.38 -16.23 5.99
C GLY A 89 23.85 -14.82 5.78
N GLY A 90 22.71 -14.45 6.37
CA GLY A 90 22.04 -13.17 6.09
C GLY A 90 20.76 -13.00 6.90
N TYR A 91 20.16 -11.83 6.78
CA TYR A 91 18.89 -11.38 7.39
C TYR A 91 17.70 -11.89 6.57
N CYS A 92 16.68 -12.38 7.27
CA CYS A 92 15.47 -12.95 6.66
C CYS A 92 14.27 -12.26 7.28
N ILE A 93 13.22 -12.07 6.48
CA ILE A 93 11.93 -11.54 6.97
C ILE A 93 10.96 -12.72 7.01
N GLU A 94 10.43 -13.01 8.20
CA GLU A 94 9.60 -14.21 8.46
C GLU A 94 8.37 -13.85 9.30
N PHE A 95 7.37 -14.72 9.30
CA PHE A 95 6.39 -14.77 10.40
C PHE A 95 7.15 -15.10 11.68
N PRO A 96 6.77 -14.47 12.80
CA PRO A 96 7.22 -14.92 14.12
C PRO A 96 6.99 -16.43 14.28
N ALA A 97 7.96 -17.12 14.85
CA ALA A 97 8.05 -18.59 14.82
C ALA A 97 9.01 -19.06 15.91
N GLY A 98 8.75 -20.26 16.44
CA GLY A 98 9.69 -20.96 17.34
C GLY A 98 9.27 -22.40 17.47
N LEU A 99 10.15 -23.21 18.03
CA LEU A 99 9.83 -24.63 18.27
C LEU A 99 8.78 -24.71 19.40
N ILE A 100 8.01 -25.78 19.44
CA ILE A 100 7.01 -26.00 20.52
C ILE A 100 7.77 -26.65 21.67
N ASP A 101 7.69 -26.09 22.88
CA ASP A 101 8.32 -26.70 24.09
C ASP A 101 7.61 -28.03 24.38
N ASP A 102 8.30 -29.03 24.95
CA ASP A 102 7.69 -30.32 25.40
C ASP A 102 6.47 -29.99 26.28
N GLY A 103 5.28 -30.49 25.95
CA GLY A 103 4.09 -30.36 26.81
C GLY A 103 3.28 -29.14 26.43
N GLU A 104 3.82 -28.30 25.56
CA GLU A 104 3.17 -27.03 25.18
C GLU A 104 2.21 -27.31 24.02
N THR A 105 1.07 -26.63 23.99
CA THR A 105 0.12 -26.67 22.83
C THR A 105 0.71 -25.81 21.72
N PRO A 106 0.38 -26.07 20.44
CA PRO A 106 0.76 -25.17 19.35
C PRO A 106 0.25 -23.74 19.60
N GLU A 107 -0.99 -23.58 20.06
CA GLU A 107 -1.61 -22.26 20.36
C GLU A 107 -0.81 -21.51 21.45
N ALA A 108 -0.46 -22.15 22.55
CA ALA A 108 0.39 -21.51 23.60
C ALA A 108 1.77 -21.15 23.04
N ALA A 109 2.42 -22.05 22.29
CA ALA A 109 3.75 -21.81 21.66
C ALA A 109 3.61 -20.57 20.76
N ALA A 110 2.52 -20.47 19.97
CA ALA A 110 2.27 -19.34 19.03
C ALA A 110 2.16 -18.02 19.80
N LEU A 111 1.29 -17.97 20.82
CA LEU A 111 1.09 -16.73 21.61
C LEU A 111 2.39 -16.42 22.35
N ARG A 112 3.09 -17.42 22.86
CA ARG A 112 4.33 -17.18 23.62
C ARG A 112 5.42 -16.64 22.67
N GLU A 113 5.66 -17.32 21.54
CA GLU A 113 6.69 -16.84 20.57
C GLU A 113 6.34 -15.44 20.04
N LEU A 114 5.07 -15.16 19.73
CA LEU A 114 4.67 -13.82 19.27
C LEU A 114 5.03 -12.77 20.34
N GLU A 115 4.73 -13.01 21.62
CA GLU A 115 5.02 -11.99 22.66
C GLU A 115 6.54 -11.89 22.80
N GLU A 116 7.26 -13.00 22.83
CA GLU A 116 8.74 -13.01 22.95
C GLU A 116 9.41 -12.22 21.81
N GLU A 117 9.00 -12.44 20.57
CA GLU A 117 9.71 -11.91 19.38
C GLU A 117 9.24 -10.49 19.05
N THR A 118 7.99 -10.13 19.37
CA THR A 118 7.40 -8.84 18.93
C THR A 118 6.95 -8.00 20.10
N GLY A 119 6.66 -8.58 21.27
CA GLY A 119 6.04 -7.82 22.38
C GLY A 119 4.51 -7.81 22.36
N TYR A 120 3.87 -8.18 21.25
CA TYR A 120 2.40 -8.20 21.18
C TYR A 120 1.81 -9.39 21.93
N LYS A 121 0.69 -9.11 22.61
CA LYS A 121 -0.18 -10.12 23.22
C LYS A 121 -1.38 -10.34 22.29
N GLY A 122 -1.40 -11.49 21.66
CA GLY A 122 -2.37 -11.79 20.61
C GLY A 122 -3.58 -12.53 21.17
N ASP A 123 -4.54 -12.78 20.30
CA ASP A 123 -5.74 -13.64 20.57
C ASP A 123 -5.77 -14.71 19.48
N ILE A 124 -5.90 -15.99 19.83
CA ILE A 124 -5.97 -17.09 18.85
C ILE A 124 -7.14 -16.85 17.91
N ALA A 125 -6.97 -17.02 16.60
CA ALA A 125 -8.07 -17.03 15.62
C ALA A 125 -8.22 -18.43 15.06
N GLU A 126 -7.13 -19.05 14.60
CA GLU A 126 -7.23 -20.43 14.04
C GLU A 126 -5.86 -21.08 14.05
N CYS A 127 -5.87 -22.39 13.97
CA CYS A 127 -4.66 -23.24 14.12
C CYS A 127 -4.71 -24.32 13.05
N SER A 128 -3.71 -24.35 12.18
CA SER A 128 -3.60 -25.31 11.04
C SER A 128 -3.32 -26.69 11.59
N PRO A 129 -3.59 -27.75 10.81
CA PRO A 129 -2.87 -29.02 11.02
C PRO A 129 -1.36 -28.79 10.83
N ALA A 130 -0.56 -29.76 11.27
CA ALA A 130 0.87 -29.91 10.97
C ALA A 130 1.10 -29.83 9.46
N VAL A 131 1.92 -28.86 9.02
CA VAL A 131 2.23 -28.65 7.58
C VAL A 131 3.75 -28.73 7.43
N CYS A 132 4.20 -29.25 6.29
CA CYS A 132 5.61 -29.62 6.03
C CYS A 132 6.36 -28.39 5.53
N MET A 133 7.56 -28.21 6.02
CA MET A 133 8.44 -27.07 5.70
C MET A 133 9.17 -27.23 4.36
N ASP A 134 9.65 -28.44 4.06
CA ASP A 134 10.46 -28.72 2.86
C ASP A 134 10.55 -30.24 2.70
N PRO A 135 9.45 -30.89 2.25
CA PRO A 135 9.26 -32.32 2.46
C PRO A 135 10.14 -33.20 1.58
N GLY A 136 10.74 -32.64 0.52
CA GLY A 136 11.77 -33.32 -0.29
C GLY A 136 13.11 -33.37 0.44
N LEU A 137 13.25 -32.60 1.53
CA LEU A 137 14.53 -32.45 2.28
C LEU A 137 14.40 -32.99 3.71
N SER A 138 13.35 -32.58 4.42
CA SER A 138 13.22 -32.77 5.89
C SER A 138 11.82 -33.27 6.27
N ASN A 139 11.70 -33.82 7.49
CA ASN A 139 10.40 -34.21 8.09
C ASN A 139 9.84 -33.03 8.90
N CYS A 140 10.48 -31.87 8.92
CA CYS A 140 10.07 -30.72 9.75
C CYS A 140 8.67 -30.25 9.41
N THR A 141 7.91 -29.98 10.47
CA THR A 141 6.52 -29.49 10.38
C THR A 141 6.35 -28.35 11.38
N ILE A 142 5.35 -27.52 11.08
CA ILE A 142 4.81 -26.47 11.96
C ILE A 142 3.31 -26.55 11.99
N HIS A 143 2.71 -25.92 13.00
CA HIS A 143 1.32 -25.41 12.92
C HIS A 143 1.43 -23.96 12.53
N ILE A 144 0.67 -23.56 11.54
CA ILE A 144 0.49 -22.12 11.19
C ILE A 144 -0.69 -21.63 12.03
N VAL A 145 -0.40 -20.75 12.97
CA VAL A 145 -1.40 -20.18 13.91
C VAL A 145 -1.69 -18.74 13.57
N THR A 146 -2.92 -18.46 13.15
CA THR A 146 -3.48 -17.11 12.91
C THR A 146 -3.91 -16.54 14.25
N VAL A 147 -3.48 -15.33 14.54
CA VAL A 147 -3.66 -14.62 15.83
C VAL A 147 -4.02 -13.19 15.46
N THR A 148 -5.02 -12.62 16.12
CA THR A 148 -5.31 -11.18 15.98
C THR A 148 -4.68 -10.46 17.17
N ILE A 149 -4.20 -9.26 16.95
CA ILE A 149 -3.63 -8.38 18.00
C ILE A 149 -4.55 -7.18 18.06
N ASN A 150 -5.16 -7.00 19.23
CA ASN A 150 -5.98 -5.79 19.48
C ASN A 150 -4.96 -4.69 19.76
N GLY A 151 -4.65 -3.90 18.75
CA GLY A 151 -3.67 -2.80 18.89
C GLY A 151 -4.26 -1.59 19.62
N ASP A 152 -5.58 -1.59 19.88
CA ASP A 152 -6.26 -0.57 20.72
C ASP A 152 -6.11 -0.92 22.23
N ASP A 153 -5.72 -2.15 22.60
CA ASP A 153 -5.45 -2.50 24.01
C ASP A 153 -4.16 -1.83 24.53
N ALA A 154 -4.19 -1.26 25.74
CA ALA A 154 -3.03 -0.62 26.43
C ALA A 154 -1.83 -1.57 26.51
N GLU A 155 -2.09 -2.88 26.70
CA GLU A 155 -1.04 -3.95 26.78
C GLU A 155 -0.23 -3.97 25.48
N ASN A 156 -0.80 -3.52 24.36
CA ASN A 156 -0.18 -3.61 23.01
C ASN A 156 0.22 -2.23 22.49
N ALA A 157 0.50 -1.27 23.39
CA ALA A 157 0.68 0.15 23.06
C ALA A 157 2.15 0.39 22.69
N ARG A 158 3.05 0.12 23.64
CA ARG A 158 4.53 0.19 23.45
C ARG A 158 5.08 -1.21 23.71
N PRO A 159 4.88 -2.18 22.78
CA PRO A 159 5.29 -3.57 23.01
C PRO A 159 6.81 -3.75 22.95
N LYS A 160 7.43 -4.36 23.97
CA LYS A 160 8.90 -4.64 24.02
C LYS A 160 9.10 -6.14 23.75
N PRO A 161 9.79 -6.56 22.68
CA PRO A 161 10.25 -7.96 22.59
C PRO A 161 10.90 -8.42 23.91
N LYS A 162 10.75 -9.70 24.26
CA LYS A 162 11.47 -10.42 25.35
C LYS A 162 12.31 -11.51 24.69
N PRO A 163 13.36 -11.12 23.94
CA PRO A 163 14.21 -12.09 23.26
C PRO A 163 14.94 -12.98 24.27
N GLY A 164 15.03 -14.28 23.99
CA GLY A 164 15.82 -15.25 24.77
C GLY A 164 17.31 -15.09 24.48
N ASP A 165 18.14 -15.95 25.10
CA ASP A 165 19.61 -15.91 24.91
C ASP A 165 19.89 -16.14 23.42
N GLY A 166 20.63 -15.24 22.77
CA GLY A 166 21.01 -15.40 21.35
C GLY A 166 19.87 -15.09 20.39
N GLU A 167 18.73 -14.58 20.89
CA GLU A 167 17.61 -14.08 20.05
C GLU A 167 17.79 -12.56 19.87
N PHE A 168 17.73 -12.07 18.63
CA PHE A 168 17.89 -10.64 18.27
C PHE A 168 16.98 -10.32 17.09
N VAL A 169 15.82 -9.75 17.40
CA VAL A 169 14.67 -9.68 16.47
C VAL A 169 14.24 -8.23 16.28
N GLU A 170 14.02 -7.83 15.03
CA GLU A 170 13.43 -6.53 14.65
C GLU A 170 11.99 -6.79 14.17
N VAL A 171 11.03 -6.00 14.63
CA VAL A 171 9.59 -6.13 14.26
C VAL A 171 9.32 -5.26 13.03
N ILE A 172 8.69 -5.82 12.02
CA ILE A 172 8.28 -5.05 10.81
C ILE A 172 6.81 -5.34 10.56
N SER A 173 5.97 -4.32 10.76
CA SER A 173 4.50 -4.38 10.51
C SER A 173 4.16 -3.72 9.19
N LEU A 174 3.58 -4.47 8.30
CA LEU A 174 3.29 -4.00 6.92
C LEU A 174 1.79 -4.11 6.70
N PRO A 175 1.17 -3.13 6.00
CA PRO A 175 -0.24 -3.20 5.68
C PRO A 175 -0.58 -4.43 4.85
N LYS A 176 -1.57 -5.17 5.33
CA LYS A 176 -2.12 -6.35 4.63
C LYS A 176 -2.49 -5.98 3.19
N ASN A 177 -3.06 -4.77 3.00
CA ASN A 177 -3.64 -4.32 1.70
C ASN A 177 -2.53 -4.00 0.70
N ASP A 178 -1.27 -3.98 1.13
CA ASP A 178 -0.14 -3.67 0.20
C ASP A 178 1.07 -4.59 0.48
N LEU A 179 0.83 -5.80 0.98
CA LEU A 179 1.93 -6.54 1.63
C LEU A 179 3.03 -6.85 0.59
N LEU A 180 2.66 -7.39 -0.56
CA LEU A 180 3.64 -7.86 -1.55
C LEU A 180 4.51 -6.67 -2.01
N GLN A 181 3.91 -5.52 -2.34
CA GLN A 181 4.70 -4.34 -2.82
C GLN A 181 5.61 -3.86 -1.69
N ARG A 182 5.18 -3.97 -0.45
CA ARG A 182 6.00 -3.47 0.68
C ARG A 182 7.18 -4.40 0.96
N LEU A 183 6.99 -5.72 0.80
CA LEU A 183 8.09 -6.73 0.83
C LEU A 183 9.07 -6.49 -0.34
N ASP A 184 8.57 -6.29 -1.55
CA ASP A 184 9.40 -5.91 -2.73
C ASP A 184 10.21 -4.67 -2.38
N ALA A 185 9.61 -3.63 -1.81
CA ALA A 185 10.37 -2.38 -1.52
C ALA A 185 11.47 -2.64 -0.48
N LEU A 186 11.22 -3.50 0.52
CA LEU A 186 12.29 -3.87 1.50
C LEU A 186 13.40 -4.67 0.82
N VAL A 187 13.08 -5.60 -0.08
CA VAL A 187 14.07 -6.45 -0.81
C VAL A 187 14.88 -5.55 -1.74
N ALA A 188 14.26 -4.54 -2.36
CA ALA A 188 14.96 -3.58 -3.24
C ALA A 188 15.99 -2.70 -2.48
N GLU A 189 15.78 -2.45 -1.18
CA GLU A 189 16.53 -1.44 -0.37
C GLU A 189 17.75 -2.07 0.34
N GLU A 190 17.83 -3.40 0.45
CA GLU A 190 18.92 -4.07 1.20
C GLU A 190 19.02 -5.55 0.81
N HIS A 191 20.13 -6.20 1.24
CA HIS A 191 20.37 -7.66 1.09
C HIS A 191 19.63 -8.38 2.22
N LEU A 192 18.52 -9.04 1.86
CA LEU A 192 17.72 -9.81 2.82
C LEU A 192 16.76 -10.69 2.02
N THR A 193 16.39 -11.81 2.61
CA THR A 193 15.54 -12.85 1.99
C THR A 193 14.16 -12.79 2.66
N VAL A 194 13.12 -12.77 1.84
CA VAL A 194 11.76 -12.99 2.35
C VAL A 194 11.54 -14.50 2.46
N ASP A 195 10.97 -14.95 3.57
CA ASP A 195 10.55 -16.36 3.73
C ASP A 195 9.49 -16.73 2.71
N ALA A 196 9.56 -17.97 2.21
CA ALA A 196 8.61 -18.45 1.18
C ALA A 196 7.15 -18.48 1.66
N ARG A 197 6.92 -18.66 2.95
CA ARG A 197 5.52 -18.72 3.48
C ARG A 197 4.97 -17.29 3.51
N VAL A 198 5.77 -16.33 3.96
CA VAL A 198 5.39 -14.91 3.89
C VAL A 198 5.10 -14.52 2.44
N TYR A 199 5.91 -14.96 1.48
CA TYR A 199 5.78 -14.50 0.08
C TYR A 199 4.53 -15.13 -0.51
N SER A 200 4.26 -16.38 -0.15
CA SER A 200 3.06 -17.10 -0.64
C SER A 200 1.81 -16.39 -0.14
N TYR A 201 1.81 -16.00 1.14
CA TYR A 201 0.71 -15.28 1.81
C TYR A 201 0.53 -13.91 1.13
N ALA A 202 1.59 -13.15 0.91
CA ALA A 202 1.52 -11.85 0.19
C ALA A 202 1.05 -12.06 -1.26
N LEU A 203 1.48 -13.11 -1.94
CA LEU A 203 0.97 -13.39 -3.32
C LEU A 203 -0.53 -13.62 -3.29
N ALA A 204 -1.03 -14.56 -2.45
CA ALA A 204 -2.49 -14.85 -2.33
C ALA A 204 -3.26 -13.55 -2.03
N LEU A 205 -2.78 -12.66 -1.15
CA LEU A 205 -3.50 -11.41 -0.87
C LEU A 205 -3.66 -10.65 -2.20
N LYS A 206 -2.63 -10.62 -3.06
CA LYS A 206 -2.74 -9.98 -4.39
C LYS A 206 -3.73 -10.76 -5.27
N HIS A 207 -3.61 -12.09 -5.38
CA HIS A 207 -4.41 -12.89 -6.32
C HIS A 207 -5.89 -12.90 -5.89
N ALA A 208 -6.23 -12.71 -4.61
CA ALA A 208 -7.66 -12.64 -4.22
C ALA A 208 -8.26 -11.40 -4.91
N LYS B 15 25.65 -5.96 11.64
CA LYS B 15 26.04 -6.27 13.04
C LYS B 15 26.43 -7.76 13.12
N GLN B 16 25.73 -8.65 12.40
CA GLN B 16 25.92 -10.13 12.47
C GLN B 16 26.40 -10.68 11.12
N TYR B 17 27.19 -11.75 11.16
CA TYR B 17 27.85 -12.31 9.97
C TYR B 17 28.48 -13.65 10.32
N ILE B 18 28.81 -14.37 9.26
CA ILE B 18 29.44 -15.72 9.30
C ILE B 18 30.95 -15.50 9.42
N ILE B 19 31.57 -16.14 10.39
CA ILE B 19 33.04 -16.20 10.54
C ILE B 19 33.52 -17.39 9.71
N SER B 20 33.04 -18.60 10.00
CA SER B 20 33.51 -19.86 9.37
C SER B 20 32.42 -20.92 9.33
N GLU B 21 32.60 -21.88 8.43
CA GLU B 21 31.71 -23.06 8.27
C GLU B 21 32.57 -24.32 8.34
N GLU B 22 32.13 -25.29 9.12
CA GLU B 22 32.83 -26.58 9.29
C GLU B 22 31.94 -27.70 8.76
N LEU B 23 32.37 -28.37 7.69
CA LEU B 23 31.67 -29.60 7.23
C LEU B 23 31.54 -30.65 8.35
N ILE B 24 30.34 -31.14 8.64
CA ILE B 24 30.13 -32.28 9.59
C ILE B 24 29.95 -33.54 8.76
N SER B 25 29.16 -33.47 7.69
CA SER B 25 28.75 -34.69 6.95
C SER B 25 28.24 -34.28 5.57
N GLU B 26 28.79 -34.84 4.51
CA GLU B 26 28.33 -34.56 3.12
C GLU B 26 27.76 -35.86 2.57
N GLY B 27 26.51 -35.85 2.13
CA GLY B 27 25.95 -36.91 1.29
C GLY B 27 26.02 -36.51 -0.17
N LYS B 28 25.32 -37.23 -1.02
CA LYS B 28 25.23 -36.94 -2.44
C LYS B 28 24.44 -35.64 -2.66
N TRP B 29 23.39 -35.41 -1.88
CA TRP B 29 22.33 -34.40 -2.14
C TRP B 29 22.31 -33.29 -1.07
N VAL B 30 22.70 -33.60 0.16
CA VAL B 30 22.59 -32.69 1.32
C VAL B 30 23.85 -32.85 2.18
N LYS B 31 24.26 -31.76 2.84
CA LYS B 31 25.37 -31.76 3.82
C LYS B 31 24.95 -31.02 5.10
N LEU B 32 25.57 -31.40 6.22
CA LEU B 32 25.40 -30.82 7.57
C LEU B 32 26.66 -30.03 7.92
N GLU B 33 26.52 -28.72 8.19
CA GLU B 33 27.66 -27.85 8.55
C GLU B 33 27.47 -27.30 9.96
N LYS B 34 28.57 -26.96 10.62
CA LYS B 34 28.59 -26.17 11.89
C LYS B 34 29.00 -24.75 11.50
N THR B 35 28.09 -23.79 11.69
CA THR B 35 28.31 -22.39 11.29
C THR B 35 28.76 -21.64 12.55
N THR B 36 29.92 -21.01 12.48
CA THR B 36 30.34 -20.05 13.52
C THR B 36 29.95 -18.64 13.07
N TYR B 37 29.34 -17.85 13.94
CA TYR B 37 28.82 -16.53 13.56
C TYR B 37 28.99 -15.59 14.73
N MET B 38 29.12 -14.29 14.40
CA MET B 38 29.24 -13.20 15.40
C MET B 38 27.83 -12.75 15.77
N ASP B 39 27.46 -12.88 17.04
CA ASP B 39 26.16 -12.39 17.54
C ASP B 39 26.33 -10.90 17.80
N PRO B 40 25.24 -10.10 17.80
CA PRO B 40 25.36 -8.64 17.75
C PRO B 40 26.17 -8.06 18.92
N THR B 41 26.19 -8.74 20.07
CA THR B 41 26.87 -8.29 21.32
C THR B 41 28.40 -8.41 21.19
N GLY B 42 28.91 -8.94 20.06
CA GLY B 42 30.35 -9.23 19.90
C GLY B 42 30.77 -10.62 20.41
N LYS B 43 29.79 -11.52 20.60
CA LYS B 43 30.00 -12.91 21.09
C LYS B 43 29.85 -13.89 19.91
N THR B 44 30.79 -14.83 19.76
CA THR B 44 30.77 -15.83 18.67
C THR B 44 29.89 -17.00 19.10
N ARG B 45 29.10 -17.53 18.16
CA ARG B 45 28.09 -18.57 18.43
C ARG B 45 28.13 -19.59 17.31
N THR B 46 27.59 -20.80 17.55
CA THR B 46 27.57 -21.90 16.57
C THR B 46 26.10 -22.23 16.20
N TRP B 47 25.91 -22.68 14.97
CA TRP B 47 24.57 -23.07 14.44
C TRP B 47 24.75 -24.34 13.62
N GLU B 48 23.86 -25.30 13.78
CA GLU B 48 23.89 -26.50 12.90
C GLU B 48 23.03 -26.14 11.70
N SER B 49 23.63 -26.15 10.52
CA SER B 49 23.05 -25.68 9.24
C SER B 49 23.04 -26.82 8.23
N VAL B 50 21.96 -26.93 7.46
CA VAL B 50 21.83 -27.92 6.36
C VAL B 50 21.94 -27.15 5.05
N LYS B 51 22.64 -27.70 4.07
CA LYS B 51 22.65 -27.16 2.69
C LYS B 51 22.53 -28.32 1.70
N ARG B 52 21.99 -28.04 0.51
CA ARG B 52 22.05 -28.98 -0.64
C ARG B 52 23.48 -28.94 -1.20
N THR B 53 23.88 -30.02 -1.88
CA THR B 53 25.19 -30.13 -2.57
C THR B 53 25.02 -29.72 -4.06
N THR B 54 23.82 -29.33 -4.49
CA THR B 54 23.42 -29.30 -5.92
C THR B 54 23.39 -27.86 -6.46
N ARG B 55 23.50 -26.84 -5.61
CA ARG B 55 23.38 -25.44 -6.10
C ARG B 55 24.69 -25.04 -6.80
N LYS B 56 24.60 -24.53 -8.04
CA LYS B 56 25.74 -24.05 -8.87
C LYS B 56 25.69 -22.52 -8.97
N GLN B 58 23.08 -20.74 -9.87
CA GLN B 58 21.60 -20.60 -9.89
C GLN B 58 21.17 -19.45 -8.96
N THR B 59 20.09 -18.76 -9.35
CA THR B 59 19.26 -17.79 -8.55
C THR B 59 18.85 -18.39 -7.19
N ALA B 60 18.73 -19.71 -7.11
CA ALA B 60 18.01 -20.45 -6.05
C ALA B 60 18.16 -21.95 -6.32
N ASP B 61 17.91 -22.78 -5.30
CA ASP B 61 17.93 -24.25 -5.49
C ASP B 61 16.84 -24.69 -6.45
N GLY B 62 15.62 -24.18 -6.25
CA GLY B 62 14.37 -24.76 -6.75
C GLY B 62 13.42 -23.70 -7.27
N VAL B 63 12.38 -24.18 -7.93
CA VAL B 63 11.15 -23.38 -8.18
C VAL B 63 9.99 -24.14 -7.56
N ALA B 64 8.98 -23.41 -7.11
CA ALA B 64 7.62 -23.91 -6.87
C ALA B 64 6.63 -23.11 -7.74
N VAL B 65 5.70 -23.80 -8.32
CA VAL B 65 4.80 -23.22 -9.33
C VAL B 65 3.43 -23.10 -8.66
N ILE B 66 2.90 -21.89 -8.61
CA ILE B 66 1.46 -21.67 -8.36
C ILE B 66 0.72 -21.73 -9.70
N PRO B 67 0.09 -22.88 -10.06
CA PRO B 67 -0.58 -23.07 -11.36
C PRO B 67 -2.09 -22.82 -11.25
N VAL B 68 -2.52 -21.69 -11.79
CA VAL B 68 -3.93 -21.24 -11.85
C VAL B 68 -4.53 -21.78 -13.16
N LEU B 69 -5.32 -22.85 -13.04
CA LEU B 69 -6.06 -23.49 -14.14
C LEU B 69 -7.36 -22.71 -14.41
N GLN B 70 -7.42 -22.08 -15.57
CA GLN B 70 -8.56 -21.21 -15.96
C GLN B 70 -9.34 -21.92 -17.06
N ARG B 71 -10.57 -22.33 -16.76
CA ARG B 71 -11.51 -22.86 -17.76
C ARG B 71 -12.76 -22.00 -17.71
N THR B 72 -13.24 -21.55 -18.86
CA THR B 72 -14.48 -20.74 -18.92
C THR B 72 -15.65 -21.57 -18.35
N LEU B 73 -16.57 -20.92 -17.62
CA LEU B 73 -17.78 -21.53 -16.99
C LEU B 73 -17.41 -22.54 -15.89
N HIS B 74 -16.17 -22.50 -15.41
CA HIS B 74 -15.69 -23.36 -14.30
C HIS B 74 -15.09 -22.45 -13.24
N TYR B 75 -15.05 -22.93 -12.00
CA TYR B 75 -14.24 -22.27 -10.95
C TYR B 75 -12.78 -22.32 -11.40
N GLU B 76 -12.07 -21.23 -11.16
CA GLU B 76 -10.58 -21.20 -11.24
C GLU B 76 -10.05 -22.22 -10.23
N CYS B 77 -9.10 -23.04 -10.65
CA CYS B 77 -8.45 -24.04 -9.76
C CYS B 77 -6.95 -23.74 -9.60
N ILE B 78 -6.44 -24.14 -8.44
CA ILE B 78 -4.99 -24.22 -8.17
C ILE B 78 -4.65 -25.68 -8.37
N VAL B 79 -3.64 -25.96 -9.19
CA VAL B 79 -3.18 -27.34 -9.50
C VAL B 79 -2.07 -27.72 -8.53
N LEU B 80 -2.28 -28.81 -7.78
CA LEU B 80 -1.31 -29.30 -6.78
C LEU B 80 -0.96 -30.72 -7.14
N VAL B 81 0.06 -31.23 -6.49
CA VAL B 81 0.58 -32.61 -6.68
C VAL B 81 0.67 -33.28 -5.33
N LYS B 82 0.38 -34.58 -5.32
CA LYS B 82 0.49 -35.50 -4.18
C LYS B 82 1.57 -36.53 -4.57
N GLN B 83 2.54 -36.71 -3.70
CA GLN B 83 3.78 -37.52 -3.87
C GLN B 83 4.12 -38.13 -2.51
N PHE B 84 4.68 -39.35 -2.50
CA PHE B 84 5.29 -39.93 -1.30
C PHE B 84 6.58 -39.14 -1.07
N ARG B 85 6.78 -38.64 0.15
CA ARG B 85 8.03 -37.88 0.46
C ARG B 85 8.82 -38.65 1.50
N PRO B 86 9.94 -39.30 1.13
CA PRO B 86 10.66 -40.15 2.07
C PRO B 86 11.06 -39.47 3.38
N PRO B 87 11.49 -38.18 3.40
CA PRO B 87 11.82 -37.53 4.68
C PRO B 87 10.59 -37.44 5.59
N MET B 88 9.41 -37.26 4.99
CA MET B 88 8.15 -37.12 5.74
C MET B 88 7.62 -38.50 6.14
N GLY B 89 7.99 -39.57 5.43
CA GLY B 89 7.46 -40.94 5.70
C GLY B 89 6.00 -41.02 5.34
N GLY B 90 5.54 -40.17 4.42
CA GLY B 90 4.14 -40.16 4.01
C GLY B 90 3.90 -39.34 2.76
N TYR B 91 2.62 -39.20 2.45
CA TYR B 91 2.15 -38.45 1.26
C TYR B 91 1.94 -36.99 1.67
N CYS B 92 2.33 -36.06 0.79
CA CYS B 92 2.26 -34.61 0.94
C CYS B 92 1.56 -34.00 -0.25
N ILE B 93 0.84 -32.91 -0.02
CA ILE B 93 0.20 -32.08 -1.08
C ILE B 93 1.01 -30.79 -1.18
N GLU B 94 1.47 -30.48 -2.38
CA GLU B 94 2.48 -29.43 -2.66
C GLU B 94 2.13 -28.71 -3.96
N PHE B 95 2.64 -27.51 -4.14
CA PHE B 95 2.79 -26.89 -5.48
C PHE B 95 3.72 -27.75 -6.30
N PRO B 96 3.48 -27.92 -7.61
CA PRO B 96 4.49 -28.53 -8.48
C PRO B 96 5.82 -27.78 -8.31
N ALA B 97 6.95 -28.49 -8.31
CA ALA B 97 8.23 -27.95 -7.84
C ALA B 97 9.37 -28.89 -8.17
N GLY B 98 10.50 -28.32 -8.56
CA GLY B 98 11.76 -29.07 -8.65
C GLY B 98 12.96 -28.16 -8.62
N LEU B 99 14.16 -28.74 -8.64
CA LEU B 99 15.44 -27.99 -8.68
C LEU B 99 15.60 -27.39 -10.08
N ILE B 100 16.20 -26.21 -10.17
CA ILE B 100 16.55 -25.53 -11.44
C ILE B 100 17.80 -26.22 -11.98
N ASP B 101 17.78 -26.72 -13.22
CA ASP B 101 18.98 -27.32 -13.89
C ASP B 101 20.07 -26.23 -14.02
N ASP B 102 21.36 -26.60 -13.99
CA ASP B 102 22.48 -25.65 -14.28
C ASP B 102 22.22 -25.01 -15.65
N GLY B 103 22.17 -23.68 -15.74
CA GLY B 103 21.97 -22.93 -17.00
C GLY B 103 20.51 -22.64 -17.27
N GLU B 104 19.59 -23.27 -16.53
CA GLU B 104 18.14 -23.03 -16.68
C GLU B 104 17.75 -21.75 -15.93
N THR B 105 16.88 -20.94 -16.52
CA THR B 105 16.22 -19.79 -15.84
C THR B 105 15.12 -20.32 -14.91
N PRO B 106 14.77 -19.58 -13.83
CA PRO B 106 13.64 -19.98 -12.99
C PRO B 106 12.33 -20.12 -13.77
N GLU B 107 12.04 -19.19 -14.68
CA GLU B 107 10.82 -19.26 -15.52
C GLU B 107 10.78 -20.58 -16.31
N ALA B 108 11.86 -20.96 -16.96
CA ALA B 108 11.90 -22.15 -17.83
C ALA B 108 11.81 -23.39 -16.95
N ALA B 109 12.40 -23.35 -15.74
CA ALA B 109 12.36 -24.47 -14.77
C ALA B 109 10.91 -24.70 -14.33
N ALA B 110 10.19 -23.60 -14.13
CA ALA B 110 8.76 -23.56 -13.71
C ALA B 110 7.88 -24.21 -14.78
N LEU B 111 8.01 -23.77 -16.03
CA LEU B 111 7.17 -24.36 -17.10
C LEU B 111 7.53 -25.84 -17.30
N ARG B 112 8.80 -26.20 -17.19
CA ARG B 112 9.28 -27.58 -17.40
C ARG B 112 8.74 -28.44 -16.24
N GLU B 113 8.93 -27.99 -14.97
CA GLU B 113 8.49 -28.80 -13.81
C GLU B 113 6.97 -28.96 -13.88
N LEU B 114 6.26 -27.90 -14.22
CA LEU B 114 4.78 -27.95 -14.30
C LEU B 114 4.37 -28.99 -15.34
N GLU B 115 5.02 -28.99 -16.49
CA GLU B 115 4.69 -29.95 -17.56
C GLU B 115 5.01 -31.36 -17.11
N GLU B 116 6.20 -31.59 -16.56
CA GLU B 116 6.63 -32.95 -16.15
C GLU B 116 5.71 -33.48 -15.05
N GLU B 117 5.32 -32.63 -14.10
CA GLU B 117 4.57 -33.13 -12.92
C GLU B 117 3.08 -33.17 -13.19
N THR B 118 2.53 -32.33 -14.07
CA THR B 118 1.04 -32.25 -14.23
C THR B 118 0.62 -32.53 -15.68
N GLY B 119 1.54 -32.45 -16.64
CA GLY B 119 1.24 -32.45 -18.07
C GLY B 119 0.72 -31.11 -18.55
N TYR B 120 0.49 -30.11 -17.68
CA TYR B 120 -0.08 -28.80 -18.13
C TYR B 120 1.01 -27.90 -18.71
N LYS B 121 0.61 -27.17 -19.77
CA LYS B 121 1.42 -26.21 -20.55
C LYS B 121 0.89 -24.84 -20.23
N GLY B 122 1.68 -24.04 -19.52
CA GLY B 122 1.22 -22.80 -18.88
C GLY B 122 2.03 -21.62 -19.38
N ASP B 123 1.65 -20.42 -18.93
CA ASP B 123 2.27 -19.12 -19.25
C ASP B 123 2.71 -18.47 -17.93
N ILE B 124 3.90 -17.87 -17.91
CA ILE B 124 4.43 -17.12 -16.74
C ILE B 124 3.55 -15.90 -16.51
N ALA B 125 3.06 -15.70 -15.27
CA ALA B 125 2.40 -14.44 -14.88
C ALA B 125 3.42 -13.58 -14.16
N GLU B 126 4.12 -14.13 -13.17
CA GLU B 126 5.09 -13.38 -12.35
C GLU B 126 6.05 -14.39 -11.69
N CYS B 127 7.19 -13.89 -11.22
CA CYS B 127 8.30 -14.71 -10.65
C CYS B 127 8.83 -13.98 -9.44
N SER B 128 8.85 -14.64 -8.28
CA SER B 128 9.39 -14.03 -7.04
C SER B 128 10.91 -13.94 -7.13
N PRO B 129 11.55 -13.08 -6.33
CA PRO B 129 12.95 -13.28 -5.98
C PRO B 129 13.16 -14.58 -5.20
N ALA B 130 14.42 -14.89 -4.90
CA ALA B 130 14.73 -16.14 -4.17
C ALA B 130 14.11 -15.95 -2.80
N VAL B 131 13.37 -16.95 -2.33
CA VAL B 131 12.75 -16.92 -0.97
C VAL B 131 13.19 -18.17 -0.22
N CYS B 132 13.36 -18.05 1.09
CA CYS B 132 13.91 -19.14 1.89
C CYS B 132 12.82 -20.16 2.28
N MET B 133 13.19 -21.42 2.27
CA MET B 133 12.28 -22.54 2.62
C MET B 133 12.22 -22.74 4.14
N ASP B 134 13.36 -22.69 4.85
CA ASP B 134 13.36 -22.98 6.31
C ASP B 134 14.63 -22.40 6.91
N PRO B 135 14.72 -21.06 7.07
CA PRO B 135 16.02 -20.38 7.22
C PRO B 135 16.68 -20.63 8.59
N GLY B 136 15.92 -21.16 9.56
CA GLY B 136 16.43 -21.64 10.85
C GLY B 136 17.16 -22.97 10.69
N LEU B 137 16.93 -23.68 9.60
CA LEU B 137 17.50 -25.04 9.44
C LEU B 137 18.45 -25.06 8.26
N SER B 138 18.12 -24.41 7.14
CA SER B 138 18.77 -24.64 5.83
C SER B 138 19.01 -23.31 5.12
N ASN B 139 19.87 -23.31 4.12
CA ASN B 139 20.02 -22.17 3.19
C ASN B 139 19.13 -22.37 1.96
N CYS B 140 18.26 -23.38 1.92
CA CYS B 140 17.49 -23.68 0.68
C CYS B 140 16.57 -22.52 0.32
N THR B 141 16.56 -22.21 -0.97
CA THR B 141 15.72 -21.12 -1.51
C THR B 141 15.02 -21.62 -2.78
N ILE B 142 13.92 -20.94 -3.13
CA ILE B 142 13.13 -21.21 -4.35
C ILE B 142 12.72 -19.89 -4.97
N HIS B 143 12.39 -19.93 -6.24
CA HIS B 143 11.57 -18.88 -6.90
C HIS B 143 10.14 -19.42 -6.92
N ILE B 144 9.20 -18.66 -6.36
CA ILE B 144 7.77 -18.99 -6.53
C ILE B 144 7.32 -18.39 -7.85
N VAL B 145 6.80 -19.23 -8.75
CA VAL B 145 6.47 -18.79 -10.13
C VAL B 145 4.96 -19.00 -10.31
N THR B 146 4.23 -17.88 -10.42
CA THR B 146 2.79 -17.86 -10.75
C THR B 146 2.70 -18.10 -12.25
N VAL B 147 1.97 -19.15 -12.62
CA VAL B 147 1.71 -19.58 -14.00
C VAL B 147 0.19 -19.66 -14.18
N THR B 148 -0.35 -19.16 -15.30
CA THR B 148 -1.76 -19.41 -15.66
C THR B 148 -1.80 -20.56 -16.67
N ILE B 149 -2.83 -21.38 -16.61
CA ILE B 149 -3.02 -22.50 -17.57
C ILE B 149 -4.35 -22.27 -18.29
N ASN B 150 -4.27 -22.01 -19.59
CA ASN B 150 -5.49 -21.92 -20.43
C ASN B 150 -6.02 -23.35 -20.59
N GLY B 151 -6.96 -23.73 -19.73
CA GLY B 151 -7.51 -25.09 -19.69
C GLY B 151 -8.44 -25.35 -20.87
N ASP B 152 -8.76 -24.36 -21.68
CA ASP B 152 -9.69 -24.50 -22.85
C ASP B 152 -8.89 -24.81 -24.12
N ASP B 153 -7.57 -24.68 -24.04
CA ASP B 153 -6.62 -24.90 -25.15
C ASP B 153 -6.51 -26.41 -25.36
N ALA B 154 -6.38 -26.81 -26.62
CA ALA B 154 -6.27 -28.24 -27.00
C ALA B 154 -5.08 -28.86 -26.26
N GLU B 155 -3.98 -28.13 -26.13
CA GLU B 155 -2.73 -28.75 -25.63
C GLU B 155 -2.91 -29.16 -24.17
N ASN B 156 -3.93 -28.62 -23.48
CA ASN B 156 -4.22 -28.86 -22.05
C ASN B 156 -5.50 -29.68 -21.93
N ALA B 157 -6.01 -30.25 -23.05
CA ALA B 157 -7.24 -31.07 -23.03
C ALA B 157 -7.01 -32.35 -22.21
N ARG B 158 -6.02 -33.15 -22.61
CA ARG B 158 -5.69 -34.47 -21.99
C ARG B 158 -4.22 -34.39 -21.56
N PRO B 159 -3.92 -33.70 -20.44
CA PRO B 159 -2.54 -33.32 -20.10
C PRO B 159 -1.62 -34.52 -19.81
N LYS B 160 -0.52 -34.66 -20.57
CA LYS B 160 0.42 -35.81 -20.49
C LYS B 160 1.58 -35.53 -19.52
N PRO B 161 1.50 -35.95 -18.23
CA PRO B 161 2.61 -35.79 -17.28
C PRO B 161 3.83 -36.67 -17.65
N LYS B 162 5.02 -36.08 -17.74
CA LYS B 162 6.29 -36.80 -18.06
C LYS B 162 7.14 -36.95 -16.79
N PRO B 163 6.85 -37.95 -15.92
CA PRO B 163 7.66 -38.21 -14.73
C PRO B 163 9.08 -38.68 -15.06
N GLY B 164 10.09 -38.06 -14.46
CA GLY B 164 11.48 -38.55 -14.45
C GLY B 164 11.61 -39.88 -13.72
N ASP B 165 12.79 -40.50 -13.79
CA ASP B 165 13.14 -41.72 -13.01
C ASP B 165 12.75 -41.47 -11.53
N GLY B 166 11.96 -42.39 -10.95
CA GLY B 166 11.64 -42.41 -9.51
C GLY B 166 10.68 -41.29 -9.08
N GLU B 167 10.02 -40.59 -10.00
CA GLU B 167 8.94 -39.62 -9.68
C GLU B 167 7.59 -40.32 -9.86
N PHE B 168 6.67 -40.12 -8.91
CA PHE B 168 5.33 -40.76 -8.87
C PHE B 168 4.35 -39.74 -8.29
N VAL B 169 3.66 -39.04 -9.18
CA VAL B 169 2.98 -37.76 -8.87
C VAL B 169 1.51 -37.87 -9.24
N GLU B 170 0.59 -37.63 -8.29
CA GLU B 170 -0.86 -37.51 -8.52
C GLU B 170 -1.17 -36.02 -8.60
N VAL B 171 -2.03 -35.64 -9.55
CA VAL B 171 -2.49 -34.24 -9.73
C VAL B 171 -3.80 -34.10 -8.96
N ILE B 172 -3.93 -33.03 -8.20
CA ILE B 172 -5.17 -32.68 -7.47
C ILE B 172 -5.42 -31.21 -7.76
N SER B 173 -6.51 -30.89 -8.47
CA SER B 173 -6.92 -29.51 -8.78
C SER B 173 -8.02 -29.12 -7.83
N LEU B 174 -7.87 -28.02 -7.12
CA LEU B 174 -8.87 -27.58 -6.13
C LEU B 174 -9.31 -26.18 -6.50
N PRO B 175 -10.61 -25.88 -6.35
CA PRO B 175 -11.09 -24.53 -6.60
C PRO B 175 -10.36 -23.49 -5.74
N LYS B 176 -9.89 -22.41 -6.37
CA LYS B 176 -9.15 -21.31 -5.68
C LYS B 176 -10.06 -20.68 -4.61
N ASN B 177 -11.36 -20.52 -4.90
CA ASN B 177 -12.29 -19.77 -4.00
C ASN B 177 -12.62 -20.57 -2.72
N ASP B 178 -12.36 -21.88 -2.67
CA ASP B 178 -12.62 -22.69 -1.46
C ASP B 178 -11.35 -23.43 -1.01
N LEU B 179 -10.15 -22.97 -1.38
CA LEU B 179 -8.92 -23.80 -1.33
C LEU B 179 -8.69 -24.27 0.11
N LEU B 180 -8.71 -23.37 1.08
CA LEU B 180 -8.40 -23.75 2.48
C LEU B 180 -9.35 -24.85 3.01
N GLN B 181 -10.67 -24.70 2.87
CA GLN B 181 -11.66 -25.76 3.28
C GLN B 181 -11.38 -27.06 2.52
N ARG B 182 -11.08 -27.02 1.22
CA ARG B 182 -10.80 -28.26 0.44
C ARG B 182 -9.53 -28.94 0.99
N LEU B 183 -8.50 -28.18 1.33
CA LEU B 183 -7.24 -28.79 1.83
C LEU B 183 -7.50 -29.41 3.21
N ASP B 184 -8.22 -28.69 4.08
CA ASP B 184 -8.63 -29.19 5.44
C ASP B 184 -9.41 -30.50 5.24
N ALA B 185 -10.27 -30.60 4.23
CA ALA B 185 -11.05 -31.84 3.98
C ALA B 185 -10.07 -32.97 3.62
N LEU B 186 -9.12 -32.74 2.72
CA LEU B 186 -8.18 -33.82 2.32
C LEU B 186 -7.44 -34.33 3.56
N VAL B 187 -6.96 -33.45 4.43
CA VAL B 187 -6.18 -33.83 5.64
C VAL B 187 -7.08 -34.67 6.57
N ALA B 188 -8.35 -34.28 6.71
CA ALA B 188 -9.35 -34.95 7.58
C ALA B 188 -9.53 -36.42 7.17
N GLU B 189 -9.73 -36.68 5.88
CA GLU B 189 -10.15 -38.03 5.39
C GLU B 189 -8.94 -38.84 4.92
N GLU B 190 -7.95 -38.22 4.28
CA GLU B 190 -6.91 -38.90 3.46
C GLU B 190 -5.56 -39.03 4.23
N HIS B 191 -5.46 -38.57 5.48
CA HIS B 191 -4.20 -38.49 6.29
C HIS B 191 -2.99 -38.05 5.45
N LEU B 192 -3.11 -36.90 4.78
CA LEU B 192 -2.03 -36.23 4.00
C LEU B 192 -1.39 -35.12 4.85
N THR B 193 -0.18 -34.70 4.50
CA THR B 193 0.43 -33.44 5.00
C THR B 193 0.41 -32.39 3.90
N VAL B 194 -0.21 -31.26 4.18
CA VAL B 194 -0.20 -30.09 3.28
C VAL B 194 1.11 -29.34 3.50
N ASP B 195 1.70 -28.89 2.42
CA ASP B 195 2.91 -28.04 2.38
C ASP B 195 2.59 -26.67 2.97
N ALA B 196 3.55 -26.08 3.69
CA ALA B 196 3.33 -24.86 4.47
C ALA B 196 3.12 -23.69 3.50
N ARG B 197 3.75 -23.71 2.31
CA ARG B 197 3.55 -22.61 1.35
C ARG B 197 2.15 -22.70 0.75
N VAL B 198 1.68 -23.91 0.41
CA VAL B 198 0.29 -24.15 -0.10
C VAL B 198 -0.69 -23.68 0.98
N TYR B 199 -0.50 -24.08 2.22
CA TYR B 199 -1.43 -23.72 3.32
C TYR B 199 -1.43 -22.20 3.53
N SER B 200 -0.28 -21.56 3.43
CA SER B 200 -0.08 -20.11 3.61
C SER B 200 -0.85 -19.35 2.52
N TYR B 201 -0.75 -19.81 1.30
CA TYR B 201 -1.46 -19.20 0.14
C TYR B 201 -2.97 -19.33 0.42
N ALA B 202 -3.43 -20.54 0.79
CA ALA B 202 -4.85 -20.87 1.03
C ALA B 202 -5.40 -19.99 2.16
N LEU B 203 -4.64 -19.80 3.26
CA LEU B 203 -5.01 -18.89 4.36
C LEU B 203 -5.23 -17.48 3.85
N ALA B 204 -4.25 -16.87 3.19
CA ALA B 204 -4.35 -15.49 2.67
C ALA B 204 -5.57 -15.34 1.73
N LEU B 205 -5.88 -16.33 0.89
CA LEU B 205 -7.09 -16.25 0.02
C LEU B 205 -8.33 -16.02 0.91
N LYS B 206 -8.41 -16.67 2.06
CA LYS B 206 -9.51 -16.48 3.05
C LYS B 206 -9.34 -15.14 3.75
N HIS B 207 -8.13 -14.77 4.14
CA HIS B 207 -7.89 -13.54 4.94
C HIS B 207 -8.00 -12.24 4.12
N ALA B 208 -7.93 -12.29 2.79
CA ALA B 208 -8.01 -11.08 1.92
C ALA B 208 -9.38 -10.41 2.17
N ASN B 209 -10.38 -11.24 2.47
CA ASN B 209 -11.67 -10.93 3.18
C ASN B 209 -11.42 -10.91 4.69
N GLN C 16 -15.54 9.40 15.83
CA GLN C 16 -16.69 10.02 15.08
C GLN C 16 -17.03 9.13 13.88
N TYR C 17 -18.27 9.14 13.39
CA TYR C 17 -18.67 8.32 12.22
C TYR C 17 -20.00 8.83 11.68
N ILE C 18 -20.31 8.45 10.44
CA ILE C 18 -21.55 8.85 9.71
C ILE C 18 -22.71 7.98 10.22
N ILE C 19 -23.82 8.62 10.60
CA ILE C 19 -25.06 7.93 11.06
C ILE C 19 -25.97 7.74 9.84
N SER C 20 -26.07 8.73 8.95
CA SER C 20 -26.97 8.65 7.77
C SER C 20 -26.78 9.87 6.86
N GLU C 21 -27.10 9.66 5.59
CA GLU C 21 -26.97 10.63 4.47
C GLU C 21 -28.34 10.70 3.79
N GLU C 22 -29.01 11.85 3.93
CA GLU C 22 -30.40 12.13 3.48
C GLU C 22 -30.33 13.15 2.35
N LEU C 23 -30.85 12.77 1.17
CA LEU C 23 -30.88 13.54 -0.10
C LEU C 23 -31.75 14.81 0.06
N ILE C 24 -31.25 15.96 -0.41
CA ILE C 24 -31.95 17.29 -0.40
C ILE C 24 -32.28 17.72 -1.83
N SER C 25 -31.35 17.58 -2.78
CA SER C 25 -31.53 17.94 -4.20
C SER C 25 -30.49 17.24 -5.08
N GLU C 26 -30.91 16.66 -6.20
CA GLU C 26 -30.07 15.80 -7.07
C GLU C 26 -30.18 16.28 -8.52
N GLY C 27 -29.24 17.12 -8.96
CA GLY C 27 -29.12 17.56 -10.36
C GLY C 27 -28.41 16.53 -11.20
N LYS C 28 -28.16 16.87 -12.47
CA LYS C 28 -27.46 16.02 -13.48
C LYS C 28 -26.02 15.71 -13.04
N TRP C 29 -25.29 16.72 -12.52
CA TRP C 29 -23.82 16.64 -12.29
C TRP C 29 -23.46 16.66 -10.80
N VAL C 30 -24.27 17.29 -9.94
CA VAL C 30 -23.97 17.47 -8.49
C VAL C 30 -25.25 17.23 -7.66
N LYS C 31 -25.10 17.01 -6.36
CA LYS C 31 -26.25 16.85 -5.43
C LYS C 31 -25.87 17.36 -4.04
N LEU C 32 -26.85 17.86 -3.29
CA LEU C 32 -26.70 18.33 -1.89
C LEU C 32 -27.36 17.30 -0.95
N GLU C 33 -26.73 17.00 0.19
CA GLU C 33 -27.23 16.01 1.18
C GLU C 33 -27.27 16.64 2.56
N LYS C 34 -28.07 16.04 3.46
CA LYS C 34 -28.00 16.32 4.93
C LYS C 34 -27.23 15.13 5.52
N THR C 35 -26.19 15.40 6.30
CA THR C 35 -25.31 14.37 6.92
C THR C 35 -25.54 14.39 8.43
N THR C 36 -25.86 13.22 9.01
CA THR C 36 -26.03 13.02 10.47
C THR C 36 -24.77 12.33 11.00
N TYR C 37 -24.16 12.81 12.08
CA TYR C 37 -22.86 12.25 12.54
C TYR C 37 -22.73 12.35 14.05
N MET C 38 -22.02 11.39 14.64
CA MET C 38 -21.66 11.34 16.08
C MET C 38 -20.36 12.13 16.30
N ASP C 39 -20.39 13.17 17.13
CA ASP C 39 -19.17 13.93 17.52
C ASP C 39 -18.38 13.11 18.53
N PRO C 40 -17.15 13.57 18.88
CA PRO C 40 -16.28 12.83 19.80
C PRO C 40 -16.83 12.62 21.23
N THR C 41 -17.61 13.57 21.75
CA THR C 41 -18.19 13.56 23.12
C THR C 41 -19.39 12.61 23.17
N GLY C 42 -20.22 12.57 22.12
CA GLY C 42 -21.39 11.67 22.05
C GLY C 42 -22.67 12.39 21.63
N LYS C 43 -22.65 13.72 21.46
CA LYS C 43 -23.75 14.48 20.79
C LYS C 43 -23.83 14.06 19.31
N THR C 44 -25.01 13.60 18.88
CA THR C 44 -25.42 13.55 17.45
C THR C 44 -25.43 14.99 16.93
N ARG C 45 -24.90 15.27 15.73
CA ARG C 45 -24.91 16.61 15.07
C ARG C 45 -25.19 16.42 13.58
N THR C 46 -25.22 17.52 12.81
CA THR C 46 -25.67 17.52 11.40
C THR C 46 -24.79 18.47 10.57
N TRP C 47 -24.85 18.29 9.24
CA TRP C 47 -23.98 18.96 8.22
C TRP C 47 -24.62 18.81 6.84
N GLU C 48 -24.52 19.84 5.99
CA GLU C 48 -25.01 19.85 4.58
C GLU C 48 -23.85 19.51 3.63
N SER C 49 -23.93 18.37 2.96
CA SER C 49 -22.82 17.74 2.19
C SER C 49 -23.08 17.86 0.69
N VAL C 50 -22.08 18.32 -0.07
CA VAL C 50 -22.07 18.32 -1.55
C VAL C 50 -21.36 17.05 -2.03
N LYS C 51 -21.89 16.42 -3.08
CA LYS C 51 -21.26 15.26 -3.73
C LYS C 51 -21.63 15.30 -5.21
N ARG C 52 -20.70 14.93 -6.10
CA ARG C 52 -20.92 14.82 -7.56
C ARG C 52 -21.67 13.52 -7.85
N THR C 53 -22.29 13.41 -9.05
CA THR C 53 -23.23 12.32 -9.43
C THR C 53 -22.63 11.42 -10.53
N THR C 54 -21.34 11.58 -10.83
CA THR C 54 -20.65 10.93 -11.99
C THR C 54 -19.62 9.90 -11.51
N ARG C 55 -19.48 9.70 -10.19
CA ARG C 55 -18.39 8.94 -9.52
C ARG C 55 -18.77 7.45 -9.37
N LYS C 56 -18.18 6.58 -10.19
CA LYS C 56 -18.48 5.12 -10.23
C LYS C 56 -17.52 4.39 -9.27
N GLU C 57 -16.60 3.58 -9.81
CA GLU C 57 -15.60 2.80 -9.03
C GLU C 57 -14.25 3.55 -8.91
N GLN C 58 -14.13 4.72 -9.56
CA GLN C 58 -12.86 5.49 -9.68
C GLN C 58 -12.22 5.66 -8.30
N THR C 59 -10.89 5.79 -8.28
CA THR C 59 -10.09 6.06 -7.04
C THR C 59 -10.41 7.47 -6.51
N ALA C 60 -10.98 8.34 -7.35
CA ALA C 60 -11.36 9.72 -7.02
C ALA C 60 -12.25 10.28 -8.12
N ASP C 61 -12.81 11.46 -7.91
CA ASP C 61 -13.61 12.09 -8.98
C ASP C 61 -12.70 12.39 -10.19
N GLY C 62 -11.54 12.99 -9.95
CA GLY C 62 -10.81 13.60 -11.09
C GLY C 62 -9.31 13.48 -10.98
N VAL C 63 -8.61 14.07 -11.94
CA VAL C 63 -7.14 14.25 -11.83
C VAL C 63 -6.84 15.73 -12.04
N ALA C 64 -5.81 16.24 -11.38
CA ALA C 64 -5.16 17.53 -11.69
C ALA C 64 -3.72 17.19 -12.08
N VAL C 65 -3.24 17.79 -13.16
CA VAL C 65 -1.91 17.44 -13.70
C VAL C 65 -0.99 18.62 -13.39
N ILE C 66 0.14 18.35 -12.75
CA ILE C 66 1.25 19.30 -12.58
C ILE C 66 2.18 19.01 -13.76
N PRO C 67 2.06 19.76 -14.87
CA PRO C 67 2.83 19.49 -16.08
C PRO C 67 4.09 20.35 -16.09
N VAL C 68 5.23 19.70 -15.93
CA VAL C 68 6.55 20.37 -15.89
C VAL C 68 7.13 20.27 -17.28
N LEU C 69 7.17 21.42 -17.94
CA LEU C 69 7.78 21.58 -19.29
C LEU C 69 9.29 21.66 -19.13
N GLN C 70 10.01 20.65 -19.61
CA GLN C 70 11.47 20.44 -19.55
C GLN C 70 12.10 20.64 -20.92
N ARG C 71 13.12 21.49 -20.98
CA ARG C 71 13.82 21.88 -22.23
C ARG C 71 15.30 22.02 -21.87
N THR C 72 16.18 21.63 -22.77
CA THR C 72 17.65 21.61 -22.51
C THR C 72 18.13 23.02 -22.20
N LEU C 73 17.61 24.01 -22.93
CA LEU C 73 18.15 25.39 -22.90
C LEU C 73 17.54 26.22 -21.78
N HIS C 74 16.47 25.75 -21.12
CA HIS C 74 15.66 26.63 -20.24
C HIS C 74 15.45 26.06 -18.83
N TYR C 75 15.09 26.95 -17.93
CA TYR C 75 14.44 26.57 -16.65
C TYR C 75 13.10 25.91 -16.95
N GLU C 76 12.68 25.02 -16.06
CA GLU C 76 11.36 24.36 -16.13
C GLU C 76 10.25 25.40 -16.07
N CYS C 77 9.16 25.13 -16.78
CA CYS C 77 7.90 25.88 -16.68
C CYS C 77 6.84 24.95 -16.16
N ILE C 78 5.83 25.54 -15.54
CA ILE C 78 4.59 24.83 -15.15
C ILE C 78 3.55 25.23 -16.18
N VAL C 79 2.91 24.26 -16.81
CA VAL C 79 1.87 24.53 -17.85
C VAL C 79 0.52 24.60 -17.13
N LEU C 80 -0.17 25.74 -17.23
CA LEU C 80 -1.49 25.98 -16.61
C LEU C 80 -2.49 26.25 -17.73
N VAL C 81 -3.77 26.20 -17.39
CA VAL C 81 -4.88 26.52 -18.31
C VAL C 81 -5.73 27.64 -17.71
N LYS C 82 -6.23 28.51 -18.57
CA LYS C 82 -7.16 29.58 -18.20
C LYS C 82 -8.47 29.30 -18.91
N GLN C 83 -9.56 29.35 -18.15
CA GLN C 83 -10.90 29.05 -18.70
C GLN C 83 -11.93 29.80 -17.88
N PHE C 84 -13.02 30.13 -18.55
CA PHE C 84 -14.25 30.63 -17.92
C PHE C 84 -14.84 29.49 -17.11
N ARG C 85 -15.13 29.76 -15.83
CA ARG C 85 -15.75 28.79 -14.89
C ARG C 85 -17.08 29.39 -14.43
N PRO C 86 -18.22 28.86 -14.96
CA PRO C 86 -19.54 29.40 -14.61
C PRO C 86 -19.79 29.56 -13.12
N PRO C 87 -19.46 28.56 -12.26
CA PRO C 87 -19.69 28.72 -10.83
C PRO C 87 -19.00 29.96 -10.28
N MET C 88 -17.83 30.33 -10.85
CA MET C 88 -17.02 31.50 -10.42
C MET C 88 -17.47 32.77 -11.15
N GLY C 89 -18.20 32.66 -12.26
CA GLY C 89 -18.64 33.84 -13.03
C GLY C 89 -17.45 34.55 -13.64
N GLY C 90 -16.34 33.85 -13.85
CA GLY C 90 -15.10 34.48 -14.33
C GLY C 90 -14.06 33.44 -14.70
N TYR C 91 -12.90 33.96 -15.09
CA TYR C 91 -11.80 33.15 -15.64
C TYR C 91 -10.98 32.68 -14.45
N CYS C 92 -10.50 31.45 -14.53
CA CYS C 92 -9.65 30.87 -13.47
C CYS C 92 -8.39 30.33 -14.08
N ILE C 93 -7.29 30.41 -13.32
CA ILE C 93 -6.01 29.79 -13.72
C ILE C 93 -5.83 28.52 -12.89
N GLU C 94 -5.72 27.39 -13.56
CA GLU C 94 -5.73 26.05 -12.92
C GLU C 94 -4.67 25.15 -13.56
N PHE C 95 -4.40 24.04 -12.87
CA PHE C 95 -3.76 22.85 -13.44
C PHE C 95 -4.71 22.24 -14.47
N PRO C 96 -4.20 21.76 -15.61
CA PRO C 96 -5.03 20.93 -16.48
C PRO C 96 -5.64 19.82 -15.62
N ALA C 97 -6.90 19.49 -15.87
CA ALA C 97 -7.75 18.69 -14.99
C ALA C 97 -9.02 18.26 -15.71
N GLY C 98 -9.53 17.10 -15.33
CA GLY C 98 -10.86 16.60 -15.70
C GLY C 98 -11.24 15.35 -14.91
N LEU C 99 -12.45 14.85 -15.12
CA LEU C 99 -12.95 13.62 -14.44
C LEU C 99 -12.29 12.40 -15.07
N ILE C 100 -11.91 11.43 -14.23
CA ILE C 100 -11.49 10.07 -14.69
C ILE C 100 -12.68 9.35 -15.36
N ASP C 101 -12.58 9.01 -16.65
CA ASP C 101 -13.56 8.18 -17.40
C ASP C 101 -13.68 6.79 -16.74
N ASP C 102 -14.76 6.06 -17.09
CA ASP C 102 -15.02 4.69 -16.57
C ASP C 102 -13.99 3.73 -17.18
N GLY C 103 -13.36 2.90 -16.35
CA GLY C 103 -12.33 1.94 -16.77
C GLY C 103 -10.93 2.55 -16.78
N GLU C 104 -10.83 3.89 -16.65
CA GLU C 104 -9.58 4.66 -16.89
C GLU C 104 -8.74 4.69 -15.62
N THR C 105 -7.44 4.44 -15.74
CA THR C 105 -6.46 4.74 -14.68
C THR C 105 -6.39 6.26 -14.45
N PRO C 106 -6.16 6.75 -13.21
CA PRO C 106 -5.84 8.16 -12.98
C PRO C 106 -4.68 8.59 -13.91
N GLU C 107 -3.67 7.73 -14.08
CA GLU C 107 -2.49 8.07 -14.92
C GLU C 107 -2.94 8.31 -16.35
N ALA C 108 -3.82 7.48 -16.89
CA ALA C 108 -4.25 7.59 -18.30
C ALA C 108 -5.07 8.88 -18.45
N ALA C 109 -5.95 9.14 -17.48
CA ALA C 109 -6.78 10.37 -17.39
C ALA C 109 -5.87 11.59 -17.46
N ALA C 110 -4.76 11.56 -16.73
CA ALA C 110 -3.78 12.64 -16.66
C ALA C 110 -3.23 12.95 -18.07
N LEU C 111 -2.72 11.95 -18.78
CA LEU C 111 -2.07 12.18 -20.09
C LEU C 111 -3.12 12.61 -21.11
N ARG C 112 -4.32 12.01 -21.07
CA ARG C 112 -5.48 12.42 -21.92
C ARG C 112 -5.88 13.88 -21.63
N GLU C 113 -6.16 14.23 -20.38
CA GLU C 113 -6.64 15.61 -20.05
C GLU C 113 -5.53 16.62 -20.36
N LEU C 114 -4.26 16.28 -20.08
CA LEU C 114 -3.13 17.17 -20.47
C LEU C 114 -3.13 17.37 -21.98
N GLU C 115 -3.14 16.29 -22.77
CA GLU C 115 -3.05 16.42 -24.24
C GLU C 115 -4.24 17.25 -24.77
N GLU C 116 -5.46 16.96 -24.32
CA GLU C 116 -6.69 17.64 -24.77
C GLU C 116 -6.62 19.14 -24.45
N GLU C 117 -6.14 19.51 -23.26
CA GLU C 117 -6.32 20.88 -22.70
C GLU C 117 -5.13 21.76 -23.13
N THR C 118 -3.99 21.16 -23.49
CA THR C 118 -2.74 21.89 -23.77
C THR C 118 -2.11 21.49 -25.10
N GLY C 119 -2.39 20.27 -25.60
CA GLY C 119 -1.71 19.72 -26.79
C GLY C 119 -0.37 19.11 -26.48
N TYR C 120 0.14 19.19 -25.24
CA TYR C 120 1.40 18.51 -24.84
C TYR C 120 1.22 16.99 -24.69
N LYS C 121 2.22 16.25 -25.13
CA LYS C 121 2.41 14.82 -24.86
C LYS C 121 3.46 14.65 -23.75
N GLY C 122 3.04 14.10 -22.61
CA GLY C 122 3.87 13.99 -21.39
C GLY C 122 4.09 12.55 -20.97
N ASP C 123 4.89 12.42 -19.93
CA ASP C 123 5.33 11.15 -19.31
C ASP C 123 4.94 11.24 -17.82
N ILE C 124 4.32 10.19 -17.28
CA ILE C 124 3.98 10.15 -15.83
C ILE C 124 5.28 10.20 -15.03
N ALA C 125 5.37 11.11 -14.08
CA ALA C 125 6.45 11.11 -13.07
C ALA C 125 5.94 10.48 -11.77
N GLU C 126 4.76 10.87 -11.30
CA GLU C 126 4.28 10.49 -9.95
C GLU C 126 2.76 10.67 -9.93
N CYS C 127 2.09 9.91 -9.06
CA CYS C 127 0.62 9.97 -8.88
C CYS C 127 0.33 9.95 -7.38
N SER C 128 -0.36 10.97 -6.90
CA SER C 128 -0.79 11.10 -5.50
C SER C 128 -1.85 10.04 -5.20
N PRO C 129 -2.06 9.76 -3.90
CA PRO C 129 -3.31 9.14 -3.46
C PRO C 129 -4.48 10.11 -3.65
N ALA C 130 -5.75 9.64 -3.64
CA ALA C 130 -6.94 10.52 -3.58
C ALA C 130 -6.80 11.55 -2.46
N VAL C 131 -6.83 12.84 -2.83
CA VAL C 131 -6.72 14.02 -1.92
C VAL C 131 -8.00 14.86 -2.08
N CYS C 132 -8.48 15.45 -0.98
CA CYS C 132 -9.79 16.13 -0.89
C CYS C 132 -9.67 17.58 -1.38
N MET C 133 -10.67 18.05 -2.09
CA MET C 133 -10.69 19.43 -2.69
C MET C 133 -11.17 20.48 -1.69
N ASP C 134 -12.25 20.17 -0.98
CA ASP C 134 -12.88 21.09 -0.02
C ASP C 134 -13.66 20.24 0.97
N PRO C 135 -12.98 19.64 1.98
CA PRO C 135 -13.56 18.56 2.78
C PRO C 135 -14.67 19.01 3.75
N GLY C 136 -14.73 20.31 4.06
CA GLY C 136 -15.84 20.94 4.80
C GLY C 136 -17.08 21.16 3.94
N LEU C 137 -16.94 21.09 2.61
CA LEU C 137 -18.01 21.43 1.63
C LEU C 137 -18.47 20.17 0.91
N SER C 138 -17.53 19.35 0.42
CA SER C 138 -17.82 18.20 -0.47
C SER C 138 -16.90 17.03 -0.12
N ASN C 139 -17.24 15.87 -0.66
CA ASN C 139 -16.41 14.63 -0.57
C ASN C 139 -15.50 14.56 -1.81
N CYS C 140 -15.42 15.61 -2.63
CA CYS C 140 -14.75 15.55 -3.96
C CYS C 140 -13.25 15.28 -3.81
N THR C 141 -12.73 14.40 -4.65
CA THR C 141 -11.32 13.93 -4.58
C THR C 141 -10.70 13.98 -5.99
N ILE C 142 -9.39 14.14 -6.01
CA ILE C 142 -8.57 14.01 -7.23
C ILE C 142 -7.33 13.19 -6.91
N HIS C 143 -6.67 12.70 -7.95
CA HIS C 143 -5.22 12.38 -7.92
C HIS C 143 -4.49 13.58 -8.53
N ILE C 144 -3.45 14.04 -7.85
CA ILE C 144 -2.47 15.01 -8.38
C ILE C 144 -1.39 14.16 -9.05
N VAL C 145 -1.40 14.24 -10.37
CA VAL C 145 -0.45 13.51 -11.22
C VAL C 145 0.61 14.50 -11.72
N THR C 146 1.84 14.30 -11.28
CA THR C 146 3.02 15.00 -11.81
C THR C 146 3.36 14.40 -13.17
N VAL C 147 3.45 15.24 -14.21
CA VAL C 147 3.76 14.79 -15.59
C VAL C 147 4.90 15.62 -16.16
N THR C 148 5.92 14.99 -16.74
CA THR C 148 7.03 15.74 -17.37
C THR C 148 6.75 15.85 -18.86
N ILE C 149 7.01 17.01 -19.44
CA ILE C 149 6.88 17.21 -20.91
C ILE C 149 8.27 17.49 -21.47
N ASN C 150 8.76 16.64 -22.36
CA ASN C 150 9.98 16.92 -23.16
C ASN C 150 9.62 17.99 -24.20
N GLY C 151 9.83 19.25 -23.85
CA GLY C 151 9.60 20.40 -24.74
C GLY C 151 10.50 20.45 -25.96
N ASP C 152 11.54 19.64 -26.03
CA ASP C 152 12.53 19.67 -27.14
C ASP C 152 12.20 18.55 -28.15
N ASP C 153 11.34 17.62 -27.77
CA ASP C 153 10.88 16.57 -28.71
C ASP C 153 10.11 17.28 -29.83
N ALA C 154 10.45 16.95 -31.08
CA ALA C 154 9.73 17.41 -32.28
C ALA C 154 8.20 17.27 -32.06
N GLU C 155 7.75 16.17 -31.45
CA GLU C 155 6.30 15.90 -31.23
C GLU C 155 5.66 16.98 -30.36
N ASN C 156 6.40 17.73 -29.54
CA ASN C 156 5.83 18.79 -28.67
C ASN C 156 6.14 20.18 -29.24
N ALA C 157 6.60 20.26 -30.50
CA ALA C 157 7.02 21.52 -31.15
C ALA C 157 5.86 22.52 -31.25
N ARG C 158 4.70 22.09 -31.74
CA ARG C 158 3.57 22.99 -32.03
C ARG C 158 2.37 22.42 -31.29
N PRO C 159 2.34 22.45 -29.94
CA PRO C 159 1.23 21.85 -29.21
C PRO C 159 -0.10 22.54 -29.57
N LYS C 160 -1.13 21.77 -29.92
CA LYS C 160 -2.50 22.29 -30.20
C LYS C 160 -3.47 21.60 -29.25
N PRO C 161 -4.08 22.34 -28.31
CA PRO C 161 -5.20 21.78 -27.55
C PRO C 161 -6.18 21.17 -28.55
N LYS C 162 -6.75 20.00 -28.22
CA LYS C 162 -7.93 19.43 -28.93
C LYS C 162 -9.03 19.27 -27.88
N PRO C 163 -9.72 20.35 -27.48
CA PRO C 163 -10.61 20.31 -26.33
C PRO C 163 -12.01 19.85 -26.77
N GLY C 164 -12.81 19.36 -25.83
CA GLY C 164 -14.17 18.89 -26.09
C GLY C 164 -15.07 20.04 -26.51
N ASP C 165 -16.32 19.71 -26.87
CA ASP C 165 -17.37 20.72 -27.15
C ASP C 165 -17.74 21.40 -25.84
N GLY C 166 -17.87 22.73 -25.85
CA GLY C 166 -18.12 23.51 -24.63
C GLY C 166 -16.86 23.84 -23.81
N GLU C 167 -15.75 23.13 -24.10
CA GLU C 167 -14.43 23.37 -23.47
C GLU C 167 -13.66 24.44 -24.27
N PHE C 168 -13.28 25.53 -23.61
CA PHE C 168 -12.56 26.67 -24.25
C PHE C 168 -11.36 26.98 -23.35
N VAL C 169 -10.16 26.66 -23.81
CA VAL C 169 -8.98 26.60 -22.93
C VAL C 169 -7.86 27.40 -23.55
N GLU C 170 -7.21 28.24 -22.74
CA GLU C 170 -6.01 28.99 -23.13
C GLU C 170 -4.87 28.47 -22.26
N VAL C 171 -3.75 28.14 -22.90
CA VAL C 171 -2.54 27.59 -22.25
C VAL C 171 -1.65 28.75 -21.85
N ILE C 172 -1.15 28.70 -20.61
CA ILE C 172 -0.21 29.66 -19.98
C ILE C 172 0.92 28.83 -19.35
N SER C 173 2.14 28.90 -19.88
CA SER C 173 3.36 28.30 -19.30
C SER C 173 4.15 29.35 -18.54
N LEU C 174 4.37 29.10 -17.24
CA LEU C 174 5.08 30.05 -16.35
C LEU C 174 6.30 29.36 -15.73
N PRO C 175 7.42 30.10 -15.55
CA PRO C 175 8.65 29.50 -15.07
C PRO C 175 8.46 29.03 -13.63
N LYS C 176 8.93 27.82 -13.32
CA LYS C 176 8.75 27.22 -11.97
C LYS C 176 9.50 28.05 -10.91
N ASN C 177 10.68 28.54 -11.27
CA ASN C 177 11.58 29.33 -10.37
C ASN C 177 11.03 30.76 -10.17
N ASP C 178 9.87 31.10 -10.76
CA ASP C 178 9.26 32.44 -10.54
C ASP C 178 7.74 32.36 -10.50
N LEU C 179 7.17 31.20 -10.08
CA LEU C 179 5.74 30.89 -10.31
C LEU C 179 4.83 31.92 -9.64
N LEU C 180 4.98 32.12 -8.33
CA LEU C 180 4.09 32.96 -7.51
C LEU C 180 4.09 34.40 -8.05
N GLN C 181 5.25 35.00 -8.24
CA GLN C 181 5.34 36.41 -8.75
C GLN C 181 4.67 36.48 -10.12
N ARG C 182 4.91 35.51 -10.99
CA ARG C 182 4.30 35.51 -12.35
C ARG C 182 2.78 35.36 -12.26
N LEU C 183 2.24 34.59 -11.28
CA LEU C 183 0.78 34.46 -11.04
C LEU C 183 0.21 35.80 -10.56
N ASP C 184 0.83 36.40 -9.55
CA ASP C 184 0.50 37.77 -9.04
C ASP C 184 0.44 38.75 -10.22
N ALA C 185 1.38 38.67 -11.17
CA ALA C 185 1.46 39.62 -12.31
C ALA C 185 0.33 39.38 -13.32
N LEU C 186 -0.19 38.16 -13.42
CA LEU C 186 -1.41 37.89 -14.25
C LEU C 186 -2.66 38.44 -13.59
N VAL C 187 -2.76 38.28 -12.27
CA VAL C 187 -3.89 38.68 -11.40
C VAL C 187 -4.00 40.21 -11.42
N ALA C 188 -2.89 40.93 -11.63
CA ALA C 188 -2.85 42.42 -11.65
C ALA C 188 -3.35 42.94 -13.00
N GLU C 189 -3.04 42.26 -14.10
CA GLU C 189 -3.39 42.74 -15.47
C GLU C 189 -4.91 42.55 -15.71
N GLU C 190 -5.53 41.53 -15.10
CA GLU C 190 -6.88 41.00 -15.48
C GLU C 190 -7.69 40.62 -14.24
N HIS C 191 -9.02 40.57 -14.36
CA HIS C 191 -9.87 39.87 -13.36
C HIS C 191 -9.81 38.37 -13.68
N LEU C 192 -8.95 37.67 -12.94
CA LEU C 192 -8.92 36.19 -12.96
C LEU C 192 -8.58 35.68 -11.56
N THR C 193 -9.03 34.46 -11.29
CA THR C 193 -8.84 33.81 -9.98
C THR C 193 -7.79 32.69 -10.18
N VAL C 194 -6.79 32.61 -9.32
CA VAL C 194 -5.85 31.46 -9.33
C VAL C 194 -6.46 30.31 -8.52
N ASP C 195 -6.27 29.09 -8.96
CA ASP C 195 -6.72 27.89 -8.22
C ASP C 195 -5.93 27.77 -6.91
N ALA C 196 -6.58 27.37 -5.81
CA ALA C 196 -5.92 27.21 -4.48
C ALA C 196 -4.78 26.18 -4.51
N ARG C 197 -4.88 25.13 -5.32
CA ARG C 197 -3.82 24.08 -5.40
C ARG C 197 -2.64 24.66 -6.16
N VAL C 198 -2.91 25.40 -7.25
CA VAL C 198 -1.83 26.09 -7.99
C VAL C 198 -1.10 27.06 -7.04
N TYR C 199 -1.82 27.87 -6.28
CA TYR C 199 -1.22 28.90 -5.40
C TYR C 199 -0.43 28.23 -4.25
N SER C 200 -0.94 27.15 -3.68
CA SER C 200 -0.25 26.37 -2.60
C SER C 200 1.06 25.85 -3.16
N TYR C 201 1.01 25.38 -4.40
CA TYR C 201 2.21 24.87 -5.10
C TYR C 201 3.20 26.01 -5.29
N ALA C 202 2.73 27.16 -5.79
CA ALA C 202 3.61 28.34 -6.00
C ALA C 202 4.25 28.78 -4.68
N LEU C 203 3.50 28.78 -3.59
CA LEU C 203 3.97 29.26 -2.27
C LEU C 203 5.13 28.35 -1.77
N ALA C 204 4.91 27.04 -1.80
CA ALA C 204 5.93 26.03 -1.42
C ALA C 204 7.18 26.18 -2.31
N LEU C 205 7.05 26.50 -3.62
CA LEU C 205 8.25 26.70 -4.45
C LEU C 205 9.04 27.88 -3.88
N LYS C 206 8.38 28.98 -3.56
CA LYS C 206 9.00 30.18 -2.92
C LYS C 206 9.65 29.80 -1.57
N HIS C 207 8.95 29.06 -0.73
CA HIS C 207 9.38 28.76 0.68
C HIS C 207 10.45 27.66 0.77
N ALA C 208 10.64 26.83 -0.25
CA ALA C 208 11.67 25.76 -0.20
C ALA C 208 13.06 26.40 -0.04
N LYS D 15 -14.97 37.94 -23.18
CA LYS D 15 -15.50 37.02 -24.22
C LYS D 15 -16.74 36.32 -23.66
N GLN D 16 -16.63 35.51 -22.60
CA GLN D 16 -17.75 34.76 -21.99
C GLN D 16 -18.34 35.50 -20.80
N TYR D 17 -19.61 35.28 -20.46
CA TYR D 17 -20.30 35.99 -19.34
C TYR D 17 -21.44 35.15 -18.80
N ILE D 18 -21.84 35.45 -17.57
CA ILE D 18 -23.06 34.91 -16.91
C ILE D 18 -24.25 35.63 -17.53
N ILE D 19 -25.27 34.87 -17.94
CA ILE D 19 -26.57 35.40 -18.46
C ILE D 19 -27.54 35.46 -17.28
N SER D 20 -27.59 34.41 -16.45
CA SER D 20 -28.57 34.25 -15.36
C SER D 20 -28.18 33.13 -14.39
N GLU D 21 -28.71 33.23 -13.18
CA GLU D 21 -28.42 32.32 -12.05
C GLU D 21 -29.75 31.92 -11.39
N GLU D 22 -30.25 30.72 -11.69
CA GLU D 22 -31.55 30.20 -11.18
C GLU D 22 -31.28 29.38 -9.92
N LEU D 23 -31.81 29.83 -8.77
CA LEU D 23 -31.78 29.05 -7.50
C LEU D 23 -32.51 27.72 -7.75
N ILE D 24 -31.92 26.61 -7.31
CA ILE D 24 -32.51 25.24 -7.42
C ILE D 24 -32.79 24.68 -6.02
N SER D 25 -31.96 25.01 -5.02
CA SER D 25 -32.14 24.61 -3.61
C SER D 25 -31.22 25.44 -2.69
N GLU D 26 -31.71 25.82 -1.51
CA GLU D 26 -31.01 26.71 -0.54
C GLU D 26 -31.21 26.17 0.88
N GLY D 27 -30.12 25.88 1.59
CA GLY D 27 -30.09 25.45 3.01
C GLY D 27 -29.42 26.52 3.87
N LYS D 28 -29.06 26.17 5.11
CA LYS D 28 -28.47 27.11 6.11
C LYS D 28 -27.08 27.59 5.64
N TRP D 29 -26.26 26.68 5.11
CA TRP D 29 -24.81 26.92 4.83
C TRP D 29 -24.48 26.86 3.33
N VAL D 30 -25.27 26.14 2.51
CA VAL D 30 -24.91 25.81 1.08
C VAL D 30 -26.18 25.83 0.22
N LYS D 31 -26.05 26.22 -1.06
CA LYS D 31 -27.15 26.24 -2.07
C LYS D 31 -26.64 25.74 -3.43
N LEU D 32 -27.57 25.28 -4.28
CA LEU D 32 -27.29 24.81 -5.67
C LEU D 32 -28.05 25.72 -6.63
N GLU D 33 -27.45 26.02 -7.79
CA GLU D 33 -28.00 26.94 -8.81
C GLU D 33 -27.79 26.36 -10.22
N LYS D 34 -28.73 26.64 -11.12
CA LYS D 34 -28.53 26.45 -12.58
C LYS D 34 -28.03 27.81 -13.09
N THR D 35 -26.78 27.86 -13.55
CA THR D 35 -26.10 29.03 -14.15
C THR D 35 -26.31 28.97 -15.65
N THR D 36 -26.75 30.05 -16.29
CA THR D 36 -26.74 30.17 -17.77
C THR D 36 -25.62 31.13 -18.16
N TYR D 37 -24.84 30.79 -19.17
CA TYR D 37 -23.69 31.62 -19.56
C TYR D 37 -23.62 31.57 -21.07
N MET D 38 -22.98 32.57 -21.66
CA MET D 38 -22.61 32.62 -23.09
C MET D 38 -21.17 32.14 -23.28
N ASP D 39 -20.99 31.13 -24.13
CA ASP D 39 -19.66 30.60 -24.53
C ASP D 39 -19.05 31.56 -25.55
N PRO D 40 -17.79 31.36 -25.99
CA PRO D 40 -17.16 32.29 -26.92
C PRO D 40 -17.69 32.14 -28.36
N THR D 41 -18.30 30.99 -28.69
CA THR D 41 -18.90 30.70 -30.03
C THR D 41 -20.23 31.44 -30.17
N GLY D 42 -20.67 32.14 -29.13
CA GLY D 42 -21.93 32.92 -29.10
C GLY D 42 -23.11 32.11 -28.61
N LYS D 43 -22.92 30.82 -28.32
CA LYS D 43 -24.01 29.89 -27.88
C LYS D 43 -24.26 30.05 -26.37
N THR D 44 -25.52 29.88 -25.95
CA THR D 44 -25.96 29.84 -24.53
C THR D 44 -25.77 28.41 -24.01
N ARG D 45 -25.31 28.27 -22.77
CA ARG D 45 -25.07 26.94 -22.12
C ARG D 45 -25.44 27.06 -20.66
N THR D 46 -25.53 25.92 -19.97
CA THR D 46 -25.95 25.85 -18.54
C THR D 46 -24.88 25.12 -17.72
N TRP D 47 -24.92 25.31 -16.39
CA TRP D 47 -23.96 24.71 -15.44
C TRP D 47 -24.66 24.60 -14.07
N GLU D 48 -24.52 23.48 -13.39
CA GLU D 48 -24.98 23.34 -11.99
C GLU D 48 -23.82 23.78 -11.10
N SER D 49 -24.06 24.78 -10.24
CA SER D 49 -23.04 25.48 -9.42
C SER D 49 -23.48 25.45 -7.96
N VAL D 50 -22.51 25.21 -7.09
CA VAL D 50 -22.68 25.20 -5.62
C VAL D 50 -22.11 26.51 -5.11
N LYS D 51 -22.80 27.16 -4.16
CA LYS D 51 -22.32 28.39 -3.47
C LYS D 51 -22.68 28.29 -1.98
N ARG D 52 -21.89 28.92 -1.12
CA ARG D 52 -22.17 29.06 0.33
C ARG D 52 -23.12 30.25 0.53
N THR D 53 -24.02 30.17 1.52
CA THR D 53 -25.03 31.20 1.85
C THR D 53 -24.43 32.21 2.83
N THR D 54 -23.34 31.83 3.52
CA THR D 54 -22.76 32.57 4.67
C THR D 54 -21.94 33.76 4.18
N ARG D 55 -21.53 33.78 2.91
CA ARG D 55 -20.62 34.84 2.37
C ARG D 55 -21.37 36.16 2.25
N LYS D 56 -20.74 37.25 2.71
CA LYS D 56 -21.28 38.63 2.69
C LYS D 56 -20.29 39.55 1.95
N GLU D 57 -20.63 40.84 1.85
CA GLU D 57 -19.80 41.94 1.26
C GLU D 57 -19.17 41.46 -0.06
N GLN D 58 -17.95 41.92 -0.36
CA GLN D 58 -17.10 41.45 -1.48
C GLN D 58 -15.84 40.81 -0.88
N THR D 59 -16.01 39.77 -0.07
CA THR D 59 -14.95 39.09 0.74
C THR D 59 -14.92 37.60 0.38
N ALA D 60 -13.75 36.95 0.49
CA ALA D 60 -13.57 35.48 0.32
C ALA D 60 -14.30 34.75 1.46
N ASP D 61 -14.75 33.51 1.22
CA ASP D 61 -15.48 32.70 2.23
C ASP D 61 -14.58 32.41 3.45
N GLY D 62 -13.39 31.86 3.19
CA GLY D 62 -12.49 31.38 4.26
C GLY D 62 -11.06 31.87 4.18
N VAL D 63 -10.29 31.43 5.18
CA VAL D 63 -8.82 31.47 5.21
C VAL D 63 -8.35 30.03 5.39
N ALA D 64 -7.17 29.74 4.86
CA ALA D 64 -6.42 28.51 5.17
C ALA D 64 -5.07 29.01 5.62
N VAL D 65 -4.55 28.50 6.74
CA VAL D 65 -3.27 28.98 7.28
C VAL D 65 -2.19 27.95 6.97
N ILE D 66 -1.06 28.44 6.44
CA ILE D 66 0.22 27.72 6.26
C ILE D 66 1.13 28.12 7.42
N PRO D 67 1.13 27.35 8.53
CA PRO D 67 1.87 27.74 9.73
C PRO D 67 3.26 27.09 9.85
N VAL D 68 4.31 27.89 9.71
CA VAL D 68 5.73 27.44 9.76
C VAL D 68 6.27 27.62 11.20
N LEU D 69 6.38 26.55 11.97
CA LEU D 69 6.94 26.63 13.37
C LEU D 69 8.49 26.67 13.31
N GLN D 70 9.10 27.75 13.80
CA GLN D 70 10.56 28.03 13.70
C GLN D 70 11.20 28.15 15.10
N ARG D 71 12.23 27.32 15.39
CA ARG D 71 13.13 27.48 16.58
C ARG D 71 14.59 27.64 16.09
N THR D 72 15.37 28.54 16.69
CA THR D 72 16.79 28.69 16.27
C THR D 72 17.47 27.34 16.52
N LEU D 73 18.45 26.96 15.70
CA LEU D 73 19.19 25.68 15.85
C LEU D 73 18.26 24.47 15.65
N HIS D 74 17.10 24.63 14.98
CA HIS D 74 16.16 23.51 14.71
C HIS D 74 15.61 23.61 13.27
N TYR D 75 15.16 22.48 12.75
CA TYR D 75 14.38 22.33 11.48
C TYR D 75 13.06 23.08 11.64
N GLU D 76 12.48 23.62 10.56
CA GLU D 76 11.09 24.14 10.53
C GLU D 76 10.08 22.98 10.48
N CYS D 77 8.91 23.14 11.07
CA CYS D 77 7.75 22.21 10.96
C CYS D 77 6.51 22.95 10.46
N ILE D 78 5.64 22.22 9.80
CA ILE D 78 4.39 22.73 9.19
C ILE D 78 3.30 22.23 10.11
N VAL D 79 2.61 23.15 10.79
CA VAL D 79 1.55 22.73 11.75
C VAL D 79 0.30 22.41 10.94
N LEU D 80 -0.12 21.17 10.90
CA LEU D 80 -1.39 20.79 10.27
C LEU D 80 -2.38 20.45 11.36
N VAL D 81 -3.64 20.17 10.97
CA VAL D 81 -4.68 19.69 11.91
C VAL D 81 -5.46 18.58 11.24
N LYS D 82 -5.87 17.57 12.02
CA LYS D 82 -6.82 16.51 11.59
C LYS D 82 -8.07 16.69 12.43
N GLN D 83 -9.19 16.35 11.79
CA GLN D 83 -10.56 16.51 12.29
C GLN D 83 -11.42 15.65 11.36
N PHE D 84 -12.54 15.16 11.88
CA PHE D 84 -13.61 14.47 11.11
C PHE D 84 -14.31 15.52 10.23
N ARG D 85 -14.52 15.18 8.96
CA ARG D 85 -15.18 16.02 7.95
C ARG D 85 -16.42 15.25 7.51
N PRO D 86 -17.62 15.61 8.00
CA PRO D 86 -18.84 14.94 7.57
C PRO D 86 -19.00 14.71 6.08
N PRO D 87 -18.70 15.68 5.18
CA PRO D 87 -18.89 15.43 3.75
C PRO D 87 -17.98 14.30 3.23
N MET D 88 -16.82 14.12 3.84
CA MET D 88 -15.79 13.11 3.45
C MET D 88 -16.08 11.79 4.19
N GLY D 89 -16.88 11.82 5.25
CA GLY D 89 -17.08 10.61 6.06
C GLY D 89 -15.79 10.18 6.74
N GLY D 90 -14.82 11.06 6.92
CA GLY D 90 -13.50 10.55 7.31
C GLY D 90 -12.70 11.63 7.94
N TYR D 91 -11.62 11.24 8.60
CA TYR D 91 -10.66 12.21 9.16
C TYR D 91 -9.83 12.77 7.96
N CYS D 92 -9.51 14.06 8.02
CA CYS D 92 -8.74 14.78 6.99
C CYS D 92 -7.61 15.51 7.68
N ILE D 93 -6.46 15.53 7.01
CA ILE D 93 -5.29 16.35 7.39
C ILE D 93 -5.28 17.58 6.48
N GLU D 94 -5.37 18.76 7.10
CA GLU D 94 -5.55 20.02 6.36
C GLU D 94 -4.69 21.06 7.00
N PHE D 95 -4.52 22.17 6.31
CA PHE D 95 -4.03 23.40 6.93
C PHE D 95 -5.13 23.85 7.88
N PRO D 96 -4.80 24.43 9.04
CA PRO D 96 -5.82 25.09 9.84
C PRO D 96 -6.55 26.08 8.92
N ALA D 97 -7.88 26.09 9.01
CA ALA D 97 -8.75 26.94 8.18
C ALA D 97 -9.99 27.27 8.97
N GLY D 98 -10.68 28.34 8.55
CA GLY D 98 -12.07 28.64 8.95
C GLY D 98 -12.68 29.77 8.14
N LEU D 99 -13.97 30.03 8.31
CA LEU D 99 -14.68 31.13 7.61
C LEU D 99 -14.28 32.45 8.26
N ILE D 100 -14.29 33.51 7.46
CA ILE D 100 -14.02 34.89 7.94
C ILE D 100 -15.33 35.41 8.52
N ASP D 101 -15.26 35.89 9.77
CA ASP D 101 -16.39 36.51 10.53
C ASP D 101 -16.69 37.86 9.86
N ASP D 102 -17.97 38.25 9.74
CA ASP D 102 -18.36 39.58 9.17
C ASP D 102 -17.57 40.66 9.91
N GLY D 103 -16.79 41.49 9.20
CA GLY D 103 -16.03 42.63 9.75
C GLY D 103 -14.54 42.36 9.91
N GLU D 104 -14.13 41.09 9.89
CA GLU D 104 -12.76 40.60 10.20
C GLU D 104 -11.91 40.60 8.92
N THR D 105 -10.67 41.07 8.98
CA THR D 105 -9.71 41.03 7.84
C THR D 105 -9.28 39.57 7.65
N PRO D 106 -8.84 39.13 6.43
CA PRO D 106 -8.25 37.79 6.27
C PRO D 106 -7.07 37.53 7.22
N GLU D 107 -6.13 38.48 7.34
CA GLU D 107 -4.94 38.31 8.20
C GLU D 107 -5.43 37.91 9.60
N ALA D 108 -6.29 38.74 10.21
CA ALA D 108 -6.66 38.60 11.64
C ALA D 108 -7.47 37.30 11.80
N ALA D 109 -8.22 36.91 10.76
CA ALA D 109 -8.97 35.63 10.78
C ALA D 109 -7.99 34.45 10.79
N ALA D 110 -6.86 34.57 10.08
CA ALA D 110 -5.83 33.51 10.05
C ALA D 110 -5.22 33.40 11.46
N LEU D 111 -4.71 34.51 12.00
CA LEU D 111 -4.06 34.50 13.34
C LEU D 111 -5.10 33.98 14.35
N ARG D 112 -6.37 34.36 14.21
CA ARG D 112 -7.40 33.94 15.20
C ARG D 112 -7.61 32.44 15.04
N GLU D 113 -7.92 31.99 13.83
CA GLU D 113 -8.24 30.57 13.56
C GLU D 113 -7.00 29.68 13.80
N LEU D 114 -5.77 30.19 13.63
CA LEU D 114 -4.54 29.40 13.92
C LEU D 114 -4.42 29.17 15.43
N GLU D 115 -4.50 30.24 16.22
CA GLU D 115 -4.49 30.19 17.72
C GLU D 115 -5.69 29.36 18.22
N GLU D 116 -6.86 29.50 17.61
CA GLU D 116 -8.04 28.65 17.95
C GLU D 116 -7.71 27.17 17.76
N GLU D 117 -7.24 26.76 16.57
CA GLU D 117 -7.18 25.33 16.19
C GLU D 117 -5.86 24.71 16.69
N THR D 118 -4.82 25.50 16.99
CA THR D 118 -3.47 24.99 17.34
C THR D 118 -2.95 25.53 18.69
N GLY D 119 -3.43 26.68 19.15
CA GLY D 119 -2.86 27.35 20.34
C GLY D 119 -1.72 28.26 19.99
N TYR D 120 -1.20 28.25 18.75
CA TYR D 120 0.01 29.04 18.43
C TYR D 120 -0.39 30.50 18.10
N LYS D 121 0.50 31.43 18.42
CA LYS D 121 0.39 32.89 18.19
C LYS D 121 1.40 33.19 17.09
N GLY D 122 0.88 33.32 15.87
CA GLY D 122 1.64 33.54 14.64
C GLY D 122 1.94 35.00 14.42
N ASP D 123 2.84 35.25 13.48
CA ASP D 123 3.12 36.56 12.84
C ASP D 123 2.79 36.38 11.36
N ILE D 124 2.03 37.31 10.79
CA ILE D 124 1.68 37.25 9.34
C ILE D 124 2.99 37.43 8.56
N ALA D 125 3.28 36.51 7.64
CA ALA D 125 4.40 36.62 6.66
C ALA D 125 3.83 37.13 5.34
N GLU D 126 2.70 36.61 4.87
CA GLU D 126 2.12 37.06 3.57
C GLU D 126 0.69 36.53 3.46
N CYS D 127 -0.08 37.05 2.49
CA CYS D 127 -1.51 36.73 2.35
C CYS D 127 -1.88 36.74 0.86
N SER D 128 -2.47 35.63 0.37
CA SER D 128 -2.91 35.44 -1.03
C SER D 128 -4.09 36.36 -1.30
N PRO D 129 -4.34 36.73 -2.57
CA PRO D 129 -5.67 37.20 -2.94
C PRO D 129 -6.60 35.98 -2.80
N ALA D 130 -7.88 36.14 -3.10
CA ALA D 130 -8.89 35.08 -2.98
C ALA D 130 -8.63 34.06 -4.09
N VAL D 131 -8.56 32.79 -3.69
CA VAL D 131 -8.18 31.68 -4.61
C VAL D 131 -9.34 30.69 -4.54
N CYS D 132 -9.66 30.05 -5.67
CA CYS D 132 -10.87 29.22 -5.83
C CYS D 132 -10.58 27.79 -5.37
N MET D 133 -11.53 27.22 -4.63
CA MET D 133 -11.39 25.90 -3.98
C MET D 133 -11.70 24.78 -4.99
N ASP D 134 -12.69 24.95 -5.85
CA ASP D 134 -13.04 23.92 -6.87
C ASP D 134 -13.90 24.56 -7.94
N PRO D 135 -13.31 25.29 -8.91
CA PRO D 135 -14.06 26.26 -9.70
C PRO D 135 -15.04 25.66 -10.72
N GLY D 136 -14.83 24.40 -11.12
CA GLY D 136 -15.79 23.64 -11.97
C GLY D 136 -17.03 23.22 -11.18
N LEU D 137 -17.05 23.43 -9.86
CA LEU D 137 -18.14 22.94 -8.98
C LEU D 137 -18.76 24.10 -8.20
N SER D 138 -17.95 24.88 -7.51
CA SER D 138 -18.41 25.92 -6.55
C SER D 138 -17.71 27.26 -6.80
N ASN D 139 -18.24 28.31 -6.18
CA ASN D 139 -17.66 29.67 -6.27
C ASN D 139 -16.82 29.88 -5.02
N CYS D 140 -16.59 28.84 -4.22
CA CYS D 140 -15.96 29.02 -2.90
C CYS D 140 -14.51 29.46 -3.08
N THR D 141 -14.08 30.41 -2.25
CA THR D 141 -12.74 31.03 -2.30
C THR D 141 -12.19 31.12 -0.88
N ILE D 142 -10.87 31.12 -0.77
CA ILE D 142 -10.18 31.41 0.50
C ILE D 142 -9.02 32.36 0.22
N HIS D 143 -8.50 32.99 1.25
CA HIS D 143 -7.13 33.52 1.26
C HIS D 143 -6.27 32.43 1.88
N ILE D 144 -5.14 32.14 1.24
CA ILE D 144 -4.05 31.34 1.87
C ILE D 144 -3.10 32.32 2.56
N VAL D 145 -2.97 32.16 3.87
CA VAL D 145 -2.19 33.07 4.73
C VAL D 145 -1.00 32.29 5.28
N THR D 146 0.22 32.74 4.97
CA THR D 146 1.50 32.16 5.43
C THR D 146 1.82 32.83 6.77
N VAL D 147 1.99 32.04 7.84
CA VAL D 147 2.17 32.57 9.22
C VAL D 147 3.38 31.88 9.89
N THR D 148 4.35 32.66 10.37
CA THR D 148 5.55 32.13 11.10
C THR D 148 5.25 32.19 12.59
N ILE D 149 5.55 31.10 13.31
CA ILE D 149 5.37 30.97 14.78
C ILE D 149 6.76 31.07 15.43
N ASN D 150 6.95 31.97 16.39
CA ASN D 150 8.25 32.15 17.08
C ASN D 150 8.30 31.15 18.23
N GLY D 151 8.76 29.91 17.97
CA GLY D 151 8.73 28.80 18.93
C GLY D 151 9.74 28.97 20.07
N ASP D 152 10.59 30.01 19.99
CA ASP D 152 11.53 30.44 21.07
C ASP D 152 10.88 31.52 21.95
N ASP D 153 9.56 31.43 22.16
CA ASP D 153 8.75 32.38 22.99
C ASP D 153 7.79 31.54 23.83
N GLU D 155 5.04 31.45 25.53
CA GLU D 155 3.74 31.78 24.87
C GLU D 155 3.47 30.71 23.81
N ASN D 156 4.49 30.36 23.03
CA ASN D 156 4.46 29.26 22.04
C ASN D 156 5.19 28.04 22.63
N ALA D 157 5.76 28.19 23.82
CA ALA D 157 6.53 27.13 24.52
C ALA D 157 5.81 25.78 24.35
N ARG D 158 4.53 25.71 24.76
CA ARG D 158 3.70 24.47 24.70
C ARG D 158 2.22 24.84 24.76
N PRO D 159 1.69 25.54 23.73
CA PRO D 159 0.29 25.93 23.70
C PRO D 159 -0.69 24.76 23.44
N LYS D 160 -1.95 24.92 23.85
CA LYS D 160 -3.06 23.95 23.64
C LYS D 160 -4.23 24.70 22.98
N PRO D 161 -5.01 24.03 22.11
CA PRO D 161 -6.04 24.73 21.33
C PRO D 161 -7.25 25.16 22.16
N LYS D 162 -7.92 26.25 21.75
CA LYS D 162 -9.23 26.70 22.30
C LYS D 162 -10.30 26.55 21.22
N PRO D 163 -10.79 25.32 20.94
CA PRO D 163 -11.82 25.13 19.93
C PRO D 163 -13.17 25.72 20.32
N GLY D 164 -13.95 26.20 19.34
CA GLY D 164 -15.39 26.49 19.48
C GLY D 164 -16.16 25.21 19.78
N ASP D 165 -17.46 25.34 20.04
CA ASP D 165 -18.38 24.19 20.27
C ASP D 165 -18.48 23.40 18.97
N GLY D 166 -18.53 22.06 19.07
CA GLY D 166 -18.63 21.17 17.90
C GLY D 166 -17.41 21.14 16.99
N GLU D 167 -16.30 21.74 17.44
CA GLU D 167 -14.98 21.77 16.74
C GLU D 167 -14.00 20.88 17.51
N PHE D 168 -13.60 19.75 16.91
CA PHE D 168 -12.68 18.74 17.55
C PHE D 168 -11.50 18.47 16.62
N VAL D 169 -10.32 18.98 16.96
CA VAL D 169 -9.16 19.04 16.03
C VAL D 169 -7.91 18.48 16.74
N GLU D 170 -7.16 17.60 16.06
CA GLU D 170 -5.80 17.14 16.46
C GLU D 170 -4.76 17.96 15.70
N VAL D 171 -3.83 18.60 16.42
CA VAL D 171 -2.60 19.24 15.87
C VAL D 171 -1.70 18.09 15.40
N ILE D 172 -1.14 18.20 14.19
CA ILE D 172 -0.10 17.28 13.64
C ILE D 172 1.00 18.16 13.08
N SER D 173 2.10 18.27 13.82
CA SER D 173 3.29 19.06 13.42
C SER D 173 4.26 18.12 12.70
N LEU D 174 4.55 18.41 11.43
CA LEU D 174 5.45 17.58 10.59
C LEU D 174 6.65 18.38 10.13
N PRO D 175 7.79 17.69 9.90
CA PRO D 175 9.01 18.38 9.51
C PRO D 175 8.70 18.87 8.09
N LYS D 176 8.92 20.15 7.82
CA LYS D 176 8.87 20.73 6.47
C LYS D 176 9.76 19.91 5.50
N ASN D 177 10.91 19.41 5.98
CA ASN D 177 11.99 18.77 5.18
C ASN D 177 11.57 17.39 4.67
N ASP D 178 10.50 16.79 5.17
CA ASP D 178 10.13 15.45 4.70
C ASP D 178 8.62 15.35 4.60
N LEU D 179 7.96 16.49 4.38
CA LEU D 179 6.48 16.62 4.45
C LEU D 179 5.79 15.57 3.57
N LEU D 180 6.15 15.51 2.29
CA LEU D 180 5.48 14.64 1.31
C LEU D 180 5.58 13.18 1.79
N GLN D 181 6.76 12.78 2.26
CA GLN D 181 7.05 11.37 2.70
C GLN D 181 6.16 11.06 3.93
N ARG D 182 6.18 11.97 4.91
CA ARG D 182 5.37 11.80 6.15
C ARG D 182 3.90 11.77 5.78
N LEU D 183 3.44 12.58 4.82
CA LEU D 183 2.02 12.53 4.41
C LEU D 183 1.72 11.18 3.79
N ASP D 184 2.53 10.72 2.85
CA ASP D 184 2.24 9.44 2.14
C ASP D 184 2.21 8.30 3.18
N ALA D 185 3.12 8.33 4.16
CA ALA D 185 3.22 7.37 5.28
C ALA D 185 1.90 7.33 6.08
N LEU D 186 1.43 8.51 6.53
CA LEU D 186 0.16 8.59 7.30
C LEU D 186 -0.95 7.96 6.46
N VAL D 187 -0.95 8.21 5.17
CA VAL D 187 -2.02 7.75 4.25
C VAL D 187 -1.94 6.23 4.06
N ALA D 188 -0.73 5.64 4.11
CA ALA D 188 -0.57 4.21 3.78
C ALA D 188 -1.09 3.40 4.98
N GLU D 189 -1.05 4.01 6.17
CA GLU D 189 -1.16 3.30 7.47
C GLU D 189 -2.49 3.66 8.17
N GLU D 190 -3.08 4.84 7.94
CA GLU D 190 -4.25 5.32 8.74
C GLU D 190 -5.41 5.71 7.81
N HIS D 191 -6.63 5.54 8.34
CA HIS D 191 -7.92 5.84 7.68
C HIS D 191 -7.99 7.37 7.69
N LEU D 192 -7.49 8.01 6.64
CA LEU D 192 -7.59 9.47 6.57
C LEU D 192 -7.31 9.90 5.13
N THR D 193 -7.62 11.16 4.83
CA THR D 193 -7.42 11.80 3.51
C THR D 193 -6.60 13.09 3.72
N VAL D 194 -5.59 13.29 2.87
CA VAL D 194 -4.76 14.51 2.94
C VAL D 194 -5.49 15.48 2.03
N ASP D 195 -5.41 16.74 2.39
CA ASP D 195 -6.01 17.80 1.58
C ASP D 195 -5.16 18.06 0.34
N ALA D 196 -5.81 18.36 -0.78
CA ALA D 196 -5.15 18.66 -2.06
C ALA D 196 -4.17 19.84 -1.93
N ARG D 197 -4.51 20.85 -1.14
N ARG D 197 -4.56 20.88 -1.17
CA ARG D 197 -3.65 22.06 -1.01
CA ARG D 197 -3.71 22.08 -0.95
C ARG D 197 -2.43 21.71 -0.16
C ARG D 197 -2.44 21.64 -0.22
N VAL D 198 -2.59 20.88 0.87
CA VAL D 198 -1.42 20.41 1.68
C VAL D 198 -0.47 19.57 0.79
N TYR D 199 -1.04 18.71 -0.01
CA TYR D 199 -0.30 17.76 -0.86
C TYR D 199 0.40 18.53 -1.98
N SER D 200 -0.29 19.49 -2.63
CA SER D 200 0.33 20.39 -3.63
C SER D 200 1.48 21.12 -2.95
N TYR D 201 1.30 21.57 -1.71
CA TYR D 201 2.35 22.32 -0.96
C TYR D 201 3.59 21.40 -0.78
N ALA D 202 3.34 20.16 -0.33
CA ALA D 202 4.37 19.14 -0.06
C ALA D 202 5.09 18.74 -1.39
N LEU D 203 4.37 18.50 -2.47
CA LEU D 203 4.98 18.19 -3.81
C LEU D 203 5.99 19.27 -4.19
N ALA D 204 5.57 20.53 -4.13
CA ALA D 204 6.38 21.69 -4.54
C ALA D 204 7.65 21.80 -3.69
N LEU D 205 7.65 21.37 -2.43
CA LEU D 205 8.89 21.40 -1.59
C LEU D 205 9.92 20.44 -2.23
N LYS D 206 9.46 19.39 -2.87
CA LYS D 206 10.33 18.39 -3.53
C LYS D 206 10.66 18.93 -4.93
N HIS D 207 9.70 19.55 -5.61
CA HIS D 207 9.89 20.03 -7.02
C HIS D 207 10.79 21.27 -7.10
N ALA D 208 10.85 22.10 -6.07
CA ALA D 208 11.69 23.32 -6.02
C ALA D 208 13.11 22.98 -6.47
N ASN D 209 13.75 23.80 -7.29
CA ASN D 209 14.97 23.44 -8.06
C ASN D 209 14.62 22.39 -9.13
#